data_1JDZ
#
_entry.id   1JDZ
#
_cell.length_a   102.6
_cell.length_b   176.9
_cell.length_c   87.3
_cell.angle_alpha   90.0
_cell.angle_beta   90.0
_cell.angle_gamma   90.0
#
_symmetry.space_group_name_H-M   'C 2 2 21'
#
loop_
_entity.id
_entity.type
_entity.pdbx_description
1 polymer "5'-METHYLTHIOADENOSINE PHOSPHORYLASE"
2 non-polymer 'SULFATE ION'
3 non-polymer 'FORMYCIN B'
4 water water
#
_entity_poly.entity_id   1
_entity_poly.type   'polypeptide(L)'
_entity_poly.pdbx_seq_one_letter_code
;MNPVHILAKKGEVAERVLVVGDPGRARLLSTLLQNPKLTNENRGFLVYTGKYNGETVSIATHGIGGPSIAIVLEELAMLG
ANVFIRYGTTGALVPYINLGEYIIVTGASYNQGGLFYQYLRDNACVASTPDFELTNKLVTSFSKRNLKYYVGNVFSSDAF
YAEDEEFVKKWSSRGNIAVEMECATLFTLSKVKGWKSATVLVVSDNLAKGGIWITKEELEKSVMDGAKAVLDTLTS
;
_entity_poly.pdbx_strand_id   A,B,C
#
loop_
_chem_comp.id
_chem_comp.type
_chem_comp.name
_chem_comp.formula
FMB non-polymer 'FORMYCIN B' 'C10 H12 N4 O5'
SO4 non-polymer 'SULFATE ION' 'O4 S -2'
#
# COMPACT_ATOMS: atom_id res chain seq x y z
N PRO A 3 8.40 -1.50 37.89
CA PRO A 3 9.58 -1.17 37.05
C PRO A 3 10.88 -1.59 37.77
N VAL A 4 11.82 -2.19 37.03
CA VAL A 4 13.08 -2.61 37.66
C VAL A 4 14.32 -1.83 37.21
N HIS A 5 14.16 -0.93 36.25
CA HIS A 5 15.30 -0.12 35.77
C HIS A 5 15.20 1.32 36.25
N ILE A 6 14.04 1.94 36.05
CA ILE A 6 13.78 3.30 36.48
C ILE A 6 13.13 3.16 37.85
N LEU A 7 13.84 3.58 38.89
CA LEU A 7 13.34 3.45 40.25
C LEU A 7 12.50 4.60 40.80
N ALA A 8 12.27 5.62 39.98
CA ALA A 8 11.49 6.78 40.41
C ALA A 8 10.20 6.31 41.08
N LYS A 9 9.63 7.14 41.95
CA LYS A 9 8.37 6.77 42.61
C LYS A 9 7.17 7.16 41.77
N LYS A 10 6.08 6.41 41.89
CA LYS A 10 4.89 6.74 41.13
C LYS A 10 4.43 8.11 41.62
N GLY A 11 4.18 9.01 40.68
CA GLY A 11 3.77 10.35 41.04
C GLY A 11 4.99 11.25 41.02
N GLU A 12 6.09 10.69 40.52
CA GLU A 12 7.37 11.40 40.42
C GLU A 12 7.75 11.56 38.94
N VAL A 13 6.95 10.96 38.07
CA VAL A 13 7.17 11.05 36.62
C VAL A 13 5.93 11.72 36.06
N ALA A 14 6.13 12.70 35.18
CA ALA A 14 5.02 13.43 34.60
C ALA A 14 4.36 12.64 33.46
N GLU A 15 3.18 13.10 33.05
CA GLU A 15 2.45 12.48 31.96
C GLU A 15 3.13 12.88 30.66
N ARG A 16 3.74 14.07 30.64
CA ARG A 16 4.44 14.61 29.48
C ARG A 16 5.93 14.40 29.68
N VAL A 17 6.56 13.69 28.75
CA VAL A 17 7.99 13.41 28.87
C VAL A 17 8.82 13.73 27.61
N LEU A 18 9.94 14.41 27.83
CA LEU A 18 10.88 14.74 26.76
C LEU A 18 11.94 13.64 26.93
N VAL A 19 12.13 12.81 25.90
CA VAL A 19 13.11 11.73 26.01
C VAL A 19 14.32 11.91 25.10
N VAL A 20 15.51 11.78 25.69
CA VAL A 20 16.77 11.91 24.96
C VAL A 20 17.62 10.67 25.21
N GLY A 21 18.55 10.39 24.30
CA GLY A 21 19.38 9.21 24.46
C GLY A 21 20.58 9.37 25.37
N ASP A 22 21.17 10.57 25.36
CA ASP A 22 22.36 10.88 26.14
C ASP A 22 22.08 11.40 27.55
N PRO A 23 22.62 10.72 28.58
CA PRO A 23 22.43 11.10 30.00
C PRO A 23 22.86 12.55 30.24
N GLY A 24 23.95 12.94 29.60
CA GLY A 24 24.48 14.28 29.73
C GLY A 24 23.54 15.33 29.18
N ARG A 25 22.85 15.00 28.09
CA ARG A 25 21.93 15.96 27.50
C ARG A 25 20.76 16.17 28.45
N ALA A 26 20.30 15.09 29.07
CA ALA A 26 19.20 15.14 30.01
C ALA A 26 19.53 16.17 31.11
N ARG A 27 20.74 16.05 31.67
CA ARG A 27 21.18 16.96 32.72
C ARG A 27 21.28 18.38 32.19
N LEU A 28 21.86 18.52 31.01
CA LEU A 28 22.01 19.84 30.41
C LEU A 28 20.64 20.51 30.25
N LEU A 29 19.66 19.76 29.77
CA LEU A 29 18.32 20.31 29.53
C LEU A 29 17.45 20.52 30.77
N SER A 30 17.72 19.79 31.85
CA SER A 30 16.92 19.92 33.07
C SER A 30 16.97 21.38 33.53
N THR A 31 18.02 22.07 33.12
CA THR A 31 18.24 23.46 33.45
C THR A 31 17.17 24.43 32.89
N LEU A 32 16.41 23.97 31.90
CA LEU A 32 15.36 24.78 31.29
C LEU A 32 14.05 24.66 32.06
N LEU A 33 14.03 23.75 33.03
CA LEU A 33 12.83 23.53 33.85
C LEU A 33 12.90 24.36 35.12
N GLN A 34 11.74 24.63 35.71
CA GLN A 34 11.68 25.37 36.96
C GLN A 34 11.80 24.35 38.10
N ASN A 35 12.72 24.63 39.02
CA ASN A 35 12.95 23.78 40.20
C ASN A 35 13.08 22.28 39.92
N PRO A 36 14.00 21.91 39.01
CA PRO A 36 14.23 20.51 38.64
C PRO A 36 14.66 19.60 39.80
N LYS A 37 14.17 18.36 39.79
CA LYS A 37 14.51 17.37 40.82
C LYS A 37 14.92 16.06 40.13
N LEU A 38 16.06 15.50 40.51
CA LEU A 38 16.53 14.24 39.95
C LEU A 38 15.69 13.10 40.56
N THR A 39 14.88 12.45 39.74
CA THR A 39 14.05 11.36 40.24
C THR A 39 14.59 9.94 40.00
N ASN A 40 15.63 9.80 39.17
CA ASN A 40 16.25 8.50 38.95
C ASN A 40 17.64 8.57 38.35
N GLU A 41 18.51 7.66 38.81
CA GLU A 41 19.87 7.59 38.32
C GLU A 41 20.24 6.13 38.05
N ASN A 42 19.39 5.21 38.51
CA ASN A 42 19.66 3.79 38.32
C ASN A 42 19.99 3.39 36.89
N ARG A 43 21.02 2.57 36.78
CA ARG A 43 21.53 2.07 35.51
C ARG A 43 21.92 3.16 34.54
N GLY A 44 22.10 4.36 35.07
CA GLY A 44 22.50 5.48 34.24
C GLY A 44 21.38 6.26 33.59
N PHE A 45 20.14 5.77 33.70
CA PHE A 45 19.00 6.46 33.10
C PHE A 45 18.49 7.68 33.87
N LEU A 46 19.17 8.82 33.69
CA LEU A 46 18.79 10.04 34.40
C LEU A 46 17.40 10.55 34.04
N VAL A 47 16.58 10.79 35.06
CA VAL A 47 15.23 11.31 34.88
C VAL A 47 15.00 12.52 35.79
N TYR A 48 14.67 13.67 35.21
CA TYR A 48 14.41 14.87 36.00
C TYR A 48 12.97 15.33 35.84
N THR A 49 12.38 15.82 36.93
CA THR A 49 11.01 16.31 36.89
C THR A 49 10.91 17.74 37.42
N GLY A 50 10.20 18.60 36.69
CA GLY A 50 10.03 19.98 37.08
C GLY A 50 8.83 20.62 36.39
N LYS A 51 8.79 21.95 36.34
CA LYS A 51 7.68 22.63 35.69
C LYS A 51 8.12 23.46 34.49
N TYR A 52 7.16 23.79 33.63
CA TYR A 52 7.40 24.57 32.42
C TYR A 52 6.07 25.06 31.86
N ASN A 53 5.97 26.37 31.64
CA ASN A 53 4.73 26.95 31.12
C ASN A 53 3.52 26.48 31.91
N GLY A 54 3.67 26.46 33.23
CA GLY A 54 2.56 26.02 34.09
C GLY A 54 2.18 24.56 34.01
N GLU A 55 3.11 23.69 33.62
CA GLU A 55 2.81 22.27 33.53
C GLU A 55 3.98 21.44 34.06
N THR A 56 3.68 20.25 34.62
CA THR A 56 4.73 19.37 35.12
C THR A 56 5.28 18.60 33.91
N VAL A 57 6.60 18.49 33.82
CA VAL A 57 7.23 17.78 32.72
C VAL A 57 8.47 17.04 33.20
N SER A 58 8.73 15.89 32.61
CA SER A 58 9.91 15.12 32.99
C SER A 58 10.82 14.99 31.78
N ILE A 59 12.13 14.93 32.02
CA ILE A 59 13.10 14.76 30.97
C ILE A 59 13.79 13.43 31.31
N ALA A 60 13.73 12.45 30.40
CA ALA A 60 14.32 11.14 30.67
C ALA A 60 15.33 10.63 29.65
N THR A 61 16.30 9.86 30.13
CA THR A 61 17.35 9.26 29.32
C THR A 61 16.90 7.87 28.81
N HIS A 62 17.09 7.59 27.52
CA HIS A 62 16.68 6.27 27.01
C HIS A 62 17.81 5.38 26.48
N GLY A 63 19.04 5.90 26.49
CA GLY A 63 20.17 5.12 26.00
C GLY A 63 20.17 4.93 24.48
N ILE A 64 20.90 3.94 23.99
CA ILE A 64 20.97 3.69 22.56
C ILE A 64 20.32 2.38 22.10
N GLY A 65 19.51 2.48 21.05
CA GLY A 65 18.88 1.29 20.49
C GLY A 65 17.45 0.93 20.88
N GLY A 66 16.80 0.19 19.97
CA GLY A 66 15.42 -0.24 20.19
C GLY A 66 15.18 -0.92 21.53
N PRO A 67 15.96 -1.97 21.88
CA PRO A 67 15.79 -2.69 23.14
C PRO A 67 15.85 -1.76 24.37
N SER A 68 16.79 -0.81 24.36
CA SER A 68 16.93 0.10 25.49
C SER A 68 15.73 1.05 25.64
N ILE A 69 15.39 1.78 24.59
CA ILE A 69 14.27 2.71 24.67
C ILE A 69 12.94 2.02 24.98
N ALA A 70 12.76 0.81 24.49
CA ALA A 70 11.53 0.05 24.74
C ALA A 70 11.36 -0.16 26.25
N ILE A 71 12.44 -0.56 26.92
CA ILE A 71 12.41 -0.78 28.35
C ILE A 71 12.06 0.52 29.08
N VAL A 72 12.77 1.59 28.75
CA VAL A 72 12.54 2.88 29.39
C VAL A 72 11.11 3.40 29.17
N LEU A 73 10.61 3.32 27.93
CA LEU A 73 9.27 3.80 27.64
C LEU A 73 8.20 3.01 28.41
N GLU A 74 8.36 1.69 28.46
CA GLU A 74 7.41 0.82 29.17
C GLU A 74 7.34 1.13 30.67
N GLU A 75 8.49 1.41 31.28
CA GLU A 75 8.51 1.70 32.70
C GLU A 75 8.02 3.10 33.03
N LEU A 76 8.33 4.06 32.16
CA LEU A 76 7.86 5.42 32.37
C LEU A 76 6.34 5.38 32.31
N ALA A 77 5.81 4.64 31.34
CA ALA A 77 4.37 4.51 31.17
C ALA A 77 3.73 3.90 32.43
N MET A 78 4.39 2.90 33.00
CA MET A 78 3.86 2.25 34.20
C MET A 78 3.83 3.25 35.36
N LEU A 79 4.68 4.25 35.28
CA LEU A 79 4.75 5.27 36.31
C LEU A 79 3.83 6.46 36.01
N GLY A 80 3.10 6.40 34.91
CA GLY A 80 2.18 7.49 34.59
C GLY A 80 2.36 8.30 33.32
N ALA A 81 3.48 8.11 32.60
CA ALA A 81 3.69 8.88 31.38
C ALA A 81 2.89 8.30 30.22
N ASN A 82 2.38 9.18 29.35
CA ASN A 82 1.62 8.73 28.17
C ASN A 82 1.84 9.60 26.93
N VAL A 83 2.66 10.64 27.06
CA VAL A 83 2.99 11.53 25.96
C VAL A 83 4.52 11.61 25.91
N PHE A 84 5.11 11.16 24.81
CA PHE A 84 6.56 11.19 24.67
C PHE A 84 7.03 11.93 23.42
N ILE A 85 8.03 12.79 23.58
CA ILE A 85 8.63 13.47 22.44
C ILE A 85 10.14 13.21 22.46
N ARG A 86 10.61 12.47 21.46
CA ARG A 86 12.01 12.10 21.28
C ARG A 86 12.82 13.28 20.75
N TYR A 87 13.92 13.60 21.41
CA TYR A 87 14.78 14.69 20.95
C TYR A 87 16.21 14.15 20.90
N GLY A 88 16.72 13.94 19.71
CA GLY A 88 18.06 13.42 19.61
C GLY A 88 18.90 14.01 18.50
N THR A 89 19.91 13.25 18.09
CA THR A 89 20.81 13.65 17.03
C THR A 89 20.61 12.67 15.88
N THR A 90 21.04 13.07 14.68
CA THR A 90 20.87 12.22 13.50
C THR A 90 21.87 12.59 12.41
N GLY A 91 22.05 11.66 11.46
CA GLY A 91 22.92 11.90 10.34
C GLY A 91 22.05 12.04 9.09
N ALA A 92 22.16 13.17 8.40
CA ALA A 92 21.35 13.41 7.21
C ALA A 92 21.73 12.52 6.03
N LEU A 93 20.72 12.07 5.29
CA LEU A 93 20.96 11.21 4.13
C LEU A 93 20.86 11.98 2.82
N VAL A 94 20.47 13.25 2.92
CA VAL A 94 20.35 14.10 1.73
C VAL A 94 21.29 15.30 1.85
N PRO A 95 21.86 15.74 0.71
CA PRO A 95 22.80 16.86 0.59
C PRO A 95 22.31 18.24 1.03
N TYR A 96 21.07 18.59 0.68
CA TYR A 96 20.53 19.90 1.00
C TYR A 96 20.21 20.25 2.46
N ILE A 97 20.49 19.34 3.39
CA ILE A 97 20.23 19.62 4.81
C ILE A 97 21.54 19.94 5.51
N ASN A 98 21.58 21.07 6.21
CA ASN A 98 22.79 21.53 6.90
C ASN A 98 22.90 21.17 8.38
N LEU A 99 24.13 21.11 8.87
CA LEU A 99 24.42 20.80 10.26
C LEU A 99 23.75 21.81 11.18
N GLY A 100 23.20 21.31 12.29
CA GLY A 100 22.57 22.22 13.23
C GLY A 100 21.11 22.50 12.94
N GLU A 101 20.65 22.11 11.75
CA GLU A 101 19.25 22.31 11.40
C GLU A 101 18.48 21.11 11.95
N TYR A 102 17.15 21.16 11.89
CA TYR A 102 16.35 20.09 12.47
C TYR A 102 15.50 19.27 11.49
N ILE A 103 15.12 18.09 11.96
CA ILE A 103 14.28 17.18 11.18
C ILE A 103 13.11 16.72 12.05
N ILE A 104 11.89 17.06 11.64
CA ILE A 104 10.70 16.64 12.35
C ILE A 104 10.24 15.36 11.63
N VAL A 105 10.27 14.26 12.37
CA VAL A 105 9.95 12.93 11.81
C VAL A 105 8.49 12.58 11.57
N THR A 106 8.20 12.09 10.36
CA THR A 106 6.84 11.71 9.96
C THR A 106 6.63 10.20 9.87
N GLY A 107 7.71 9.44 10.00
CA GLY A 107 7.62 8.00 9.90
C GLY A 107 9.00 7.36 9.97
N ALA A 108 9.05 6.06 10.24
CA ALA A 108 10.33 5.38 10.34
C ALA A 108 10.38 4.05 9.58
N SER A 109 11.43 3.90 8.78
CA SER A 109 11.67 2.68 8.03
C SER A 109 12.51 1.81 8.97
N TYR A 110 12.42 0.49 8.81
CA TYR A 110 13.18 -0.41 9.67
C TYR A 110 13.28 -1.83 9.09
N ASN A 111 14.31 -2.56 9.48
CA ASN A 111 14.44 -3.95 9.03
C ASN A 111 13.66 -4.75 10.07
N GLN A 112 12.89 -5.76 9.64
CA GLN A 112 12.10 -6.52 10.59
C GLN A 112 12.89 -7.55 11.38
N GLY A 113 12.20 -8.18 12.35
CA GLY A 113 12.81 -9.18 13.20
C GLY A 113 12.82 -8.81 14.67
N GLY A 114 13.67 -9.51 15.43
CA GLY A 114 13.83 -9.29 16.85
C GLY A 114 12.71 -8.67 17.66
N LEU A 115 12.97 -7.47 18.15
CA LEU A 115 12.04 -6.72 18.97
C LEU A 115 10.66 -6.62 18.33
N PHE A 116 10.62 -6.31 17.04
CA PHE A 116 9.34 -6.17 16.35
C PHE A 116 8.60 -7.51 16.31
N TYR A 117 9.32 -8.58 16.00
CA TYR A 117 8.71 -9.90 15.97
C TYR A 117 8.10 -10.25 17.35
N GLN A 118 8.89 -10.10 18.41
CA GLN A 118 8.40 -10.41 19.75
C GLN A 118 7.16 -9.60 20.13
N TYR A 119 7.13 -8.31 19.80
CA TYR A 119 5.98 -7.47 20.13
C TYR A 119 4.78 -7.66 19.18
N LEU A 120 5.04 -7.79 17.89
CA LEU A 120 3.97 -7.93 16.88
C LEU A 120 3.46 -9.35 16.61
N ARG A 121 4.25 -10.36 16.94
CA ARG A 121 3.86 -11.77 16.76
C ARG A 121 4.08 -12.35 15.37
N ASP A 122 4.37 -11.49 14.39
CA ASP A 122 4.69 -11.98 13.05
C ASP A 122 5.54 -10.92 12.37
N ASN A 123 5.78 -11.06 11.07
CA ASN A 123 6.64 -10.11 10.37
C ASN A 123 5.94 -9.04 9.53
N ALA A 124 4.72 -8.67 9.95
CA ALA A 124 3.97 -7.65 9.23
C ALA A 124 4.66 -6.30 9.31
N CYS A 125 4.64 -5.56 8.22
CA CYS A 125 5.24 -4.24 8.22
C CYS A 125 4.16 -3.25 8.70
N VAL A 126 4.06 -3.11 10.02
CA VAL A 126 3.09 -2.20 10.64
C VAL A 126 3.55 -0.75 10.47
N ALA A 127 2.63 0.12 10.06
CA ALA A 127 2.95 1.53 9.86
C ALA A 127 3.57 2.12 11.14
N SER A 128 4.84 2.52 11.04
CA SER A 128 5.55 3.09 12.18
C SER A 128 5.52 4.61 12.04
N THR A 129 4.48 5.23 12.58
CA THR A 129 4.33 6.68 12.50
C THR A 129 4.01 7.30 13.86
N PRO A 130 4.28 8.61 14.00
CA PRO A 130 4.03 9.37 15.24
C PRO A 130 2.58 9.85 15.29
N ASP A 131 2.20 10.46 16.40
CA ASP A 131 0.85 10.98 16.55
C ASP A 131 0.71 12.18 15.60
N PHE A 132 -0.34 12.18 14.79
CA PHE A 132 -0.57 13.26 13.82
C PHE A 132 -0.67 14.65 14.45
N GLU A 133 -1.60 14.81 15.41
CA GLU A 133 -1.80 16.09 16.08
C GLU A 133 -0.54 16.65 16.73
N LEU A 134 0.16 15.80 17.49
CA LEU A 134 1.38 16.20 18.18
C LEU A 134 2.45 16.66 17.21
N THR A 135 2.61 15.94 16.11
CA THR A 135 3.63 16.32 15.15
C THR A 135 3.36 17.70 14.54
N ASN A 136 2.10 18.00 14.24
CA ASN A 136 1.79 19.30 13.67
C ASN A 136 2.08 20.41 14.69
N LYS A 137 1.89 20.13 15.98
CA LYS A 137 2.18 21.11 17.01
C LYS A 137 3.68 21.37 17.05
N LEU A 138 4.48 20.36 16.77
CA LEU A 138 5.93 20.53 16.74
C LEU A 138 6.28 21.50 15.61
N VAL A 139 5.68 21.27 14.44
CA VAL A 139 5.93 22.14 13.29
C VAL A 139 5.58 23.57 13.68
N THR A 140 4.44 23.72 14.37
CA THR A 140 4.00 25.04 14.78
C THR A 140 4.94 25.72 15.79
N SER A 141 5.54 24.94 16.69
CA SER A 141 6.47 25.51 17.68
C SER A 141 7.82 25.89 17.09
N PHE A 142 8.32 25.07 16.16
CA PHE A 142 9.60 25.35 15.54
C PHE A 142 9.46 26.51 14.57
N SER A 143 8.30 26.62 13.93
CA SER A 143 8.07 27.71 13.01
C SER A 143 7.98 29.02 13.81
N LYS A 144 7.29 29.02 14.94
CA LYS A 144 7.16 30.25 15.72
C LYS A 144 8.48 30.72 16.32
N ARG A 145 9.43 29.81 16.52
CA ARG A 145 10.73 30.21 17.07
C ARG A 145 11.75 30.44 15.95
N ASN A 146 11.23 30.52 14.72
CA ASN A 146 12.05 30.74 13.52
C ASN A 146 13.23 29.79 13.41
N LEU A 147 12.96 28.49 13.56
CA LEU A 147 14.01 27.48 13.45
C LEU A 147 13.88 26.78 12.10
N LYS A 148 15.02 26.52 11.46
CA LYS A 148 15.08 25.86 10.16
C LYS A 148 14.91 24.35 10.31
N TYR A 149 13.83 23.82 9.74
CA TYR A 149 13.55 22.39 9.84
C TYR A 149 13.05 21.78 8.54
N TYR A 150 13.04 20.46 8.49
CA TYR A 150 12.54 19.72 7.33
C TYR A 150 11.64 18.61 7.87
N VAL A 151 10.64 18.21 7.09
CA VAL A 151 9.73 17.16 7.50
C VAL A 151 9.91 15.93 6.59
N GLY A 152 10.12 14.77 7.20
CA GLY A 152 10.31 13.56 6.41
C GLY A 152 10.55 12.30 7.22
N ASN A 153 10.65 11.17 6.54
CA ASN A 153 10.89 9.89 7.20
C ASN A 153 12.37 9.64 7.47
N VAL A 154 12.65 8.75 8.41
CA VAL A 154 14.02 8.39 8.74
C VAL A 154 14.15 6.88 8.82
N PHE A 155 15.38 6.39 8.72
CA PHE A 155 15.63 4.97 8.83
C PHE A 155 16.19 4.70 10.22
N SER A 156 15.56 3.77 10.95
CA SER A 156 16.01 3.41 12.29
C SER A 156 16.91 2.18 12.23
N SER A 157 18.21 2.42 12.18
CA SER A 157 19.19 1.36 12.11
C SER A 157 19.45 0.72 13.47
N ASP A 158 19.85 -0.56 13.46
CA ASP A 158 20.17 -1.29 14.67
C ASP A 158 21.69 -1.50 14.78
N ALA A 159 22.42 -1.22 13.70
CA ALA A 159 23.87 -1.42 13.67
C ALA A 159 24.66 -0.23 13.09
N PHE A 160 25.14 0.63 13.98
CA PHE A 160 25.92 1.81 13.63
C PHE A 160 27.14 1.52 12.73
N TYR A 161 27.89 0.48 13.06
CA TYR A 161 29.09 0.14 12.31
C TYR A 161 29.02 -0.96 11.26
N ALA A 162 27.84 -1.53 11.04
CA ALA A 162 27.73 -2.57 10.03
C ALA A 162 28.09 -1.96 8.67
N GLU A 163 28.83 -2.69 7.85
CA GLU A 163 29.21 -2.16 6.54
C GLU A 163 28.12 -2.34 5.50
N ASP A 164 27.93 -1.28 4.71
CA ASP A 164 26.95 -1.25 3.63
C ASP A 164 27.39 -0.13 2.70
N GLU A 165 28.13 -0.48 1.66
CA GLU A 165 28.65 0.49 0.71
C GLU A 165 27.60 1.34 -0.01
N GLU A 166 26.39 0.82 -0.22
CA GLU A 166 25.36 1.59 -0.92
C GLU A 166 24.35 2.21 0.04
N PHE A 167 24.72 2.29 1.31
CA PHE A 167 23.87 2.82 2.38
C PHE A 167 23.09 4.11 2.11
N VAL A 168 23.81 5.20 1.82
CA VAL A 168 23.14 6.48 1.60
C VAL A 168 22.15 6.43 0.43
N LYS A 169 22.59 5.85 -0.69
CA LYS A 169 21.73 5.76 -1.88
C LYS A 169 20.48 4.91 -1.63
N LYS A 170 20.68 3.73 -1.06
CA LYS A 170 19.56 2.83 -0.76
C LYS A 170 18.48 3.50 0.10
N TRP A 171 18.86 4.01 1.26
CA TRP A 171 17.88 4.60 2.16
C TRP A 171 17.27 5.92 1.71
N SER A 172 18.07 6.77 1.06
CA SER A 172 17.55 8.04 0.59
C SER A 172 16.61 7.80 -0.60
N SER A 173 16.91 6.77 -1.40
CA SER A 173 16.06 6.47 -2.54
C SER A 173 14.77 5.82 -2.04
N ARG A 174 14.73 5.49 -0.75
CA ARG A 174 13.53 4.89 -0.17
C ARG A 174 12.67 5.89 0.59
N GLY A 175 12.88 7.18 0.32
CA GLY A 175 12.09 8.20 0.98
C GLY A 175 12.55 8.66 2.36
N ASN A 176 13.73 8.22 2.78
CA ASN A 176 14.26 8.61 4.09
C ASN A 176 15.29 9.73 3.92
N ILE A 177 15.21 10.74 4.78
CA ILE A 177 16.13 11.87 4.69
C ILE A 177 17.21 11.89 5.78
N ALA A 178 17.16 10.93 6.69
CA ALA A 178 18.13 10.84 7.78
C ALA A 178 18.16 9.46 8.46
N VAL A 179 19.26 9.17 9.15
CA VAL A 179 19.40 7.90 9.86
C VAL A 179 19.60 8.11 11.36
N GLU A 180 18.85 7.33 12.14
CA GLU A 180 18.88 7.39 13.59
C GLU A 180 18.71 5.95 14.10
N MET A 181 18.44 5.72 15.39
CA MET A 181 18.33 4.34 15.86
C MET A 181 17.12 3.90 16.69
N GLU A 182 16.27 4.82 17.16
CA GLU A 182 15.14 4.35 17.94
C GLU A 182 13.72 4.84 17.64
N CYS A 183 13.53 5.60 16.56
CA CYS A 183 12.19 6.08 16.21
C CYS A 183 11.21 4.96 15.85
N ALA A 184 11.65 3.96 15.10
CA ALA A 184 10.76 2.86 14.73
C ALA A 184 10.18 2.20 15.99
N THR A 185 11.03 1.94 16.98
CA THR A 185 10.60 1.32 18.22
C THR A 185 9.61 2.21 18.96
N LEU A 186 9.92 3.50 19.05
CA LEU A 186 9.04 4.45 19.73
C LEU A 186 7.65 4.51 19.11
N PHE A 187 7.60 4.79 17.81
CA PHE A 187 6.33 4.92 17.09
C PHE A 187 5.47 3.65 17.14
N THR A 188 6.05 2.51 16.81
CA THR A 188 5.30 1.26 16.82
C THR A 188 4.80 0.87 18.22
N LEU A 189 5.66 0.96 19.23
CA LEU A 189 5.24 0.61 20.59
C LEU A 189 4.14 1.57 21.07
N SER A 190 4.27 2.84 20.71
CA SER A 190 3.28 3.85 21.08
C SER A 190 1.91 3.53 20.48
N LYS A 191 1.90 3.04 19.24
CA LYS A 191 0.66 2.69 18.55
C LYS A 191 0.00 1.49 19.24
N VAL A 192 0.83 0.54 19.64
CA VAL A 192 0.33 -0.65 20.31
C VAL A 192 -0.19 -0.36 21.72
N LYS A 193 0.56 0.46 22.46
CA LYS A 193 0.21 0.81 23.83
C LYS A 193 -0.75 2.00 24.00
N GLY A 194 -1.01 2.73 22.92
CA GLY A 194 -1.90 3.88 23.01
C GLY A 194 -1.26 5.17 23.52
N TRP A 195 0.06 5.28 23.47
CA TRP A 195 0.72 6.51 23.92
C TRP A 195 0.80 7.49 22.73
N LYS A 196 0.94 8.78 23.00
CA LYS A 196 1.07 9.81 21.96
C LYS A 196 2.54 10.17 21.82
N SER A 197 3.11 9.94 20.65
CA SER A 197 4.54 10.22 20.46
C SER A 197 4.90 10.99 19.19
N ALA A 198 6.09 11.58 19.21
CA ALA A 198 6.61 12.35 18.10
C ALA A 198 8.12 12.49 18.26
N THR A 199 8.78 13.02 17.24
CA THR A 199 10.23 13.17 17.30
C THR A 199 10.79 14.33 16.48
N VAL A 200 11.85 14.95 17.01
CA VAL A 200 12.55 16.03 16.33
C VAL A 200 14.03 15.74 16.53
N LEU A 201 14.80 15.80 15.44
CA LEU A 201 16.23 15.52 15.51
C LEU A 201 17.13 16.69 15.11
N VAL A 202 18.29 16.76 15.76
CA VAL A 202 19.29 17.78 15.46
C VAL A 202 20.30 17.13 14.51
N VAL A 203 20.51 17.73 13.35
CA VAL A 203 21.46 17.16 12.39
C VAL A 203 22.89 17.41 12.85
N SER A 204 23.58 16.35 13.24
CA SER A 204 24.95 16.48 13.72
C SER A 204 25.99 16.05 12.69
N ASP A 205 25.53 15.39 11.63
CA ASP A 205 26.42 14.91 10.57
C ASP A 205 25.60 14.78 9.29
N ASN A 206 26.28 14.77 8.14
CA ASN A 206 25.61 14.61 6.85
C ASN A 206 26.41 13.54 6.08
N LEU A 207 25.80 12.37 5.92
CA LEU A 207 26.44 11.24 5.24
C LEU A 207 26.46 11.44 3.73
N ALA A 208 25.67 12.40 3.25
CA ALA A 208 25.61 12.69 1.82
C ALA A 208 26.67 13.72 1.43
N GLU A 217 30.38 24.91 19.88
CA GLU A 217 29.47 25.90 20.51
C GLU A 217 28.23 26.23 19.68
N GLU A 218 28.36 26.18 18.35
CA GLU A 218 27.22 26.46 17.49
C GLU A 218 26.20 25.33 17.67
N LEU A 219 26.70 24.14 17.95
CA LEU A 219 25.88 22.95 18.12
C LEU A 219 25.13 23.00 19.44
N GLU A 220 25.78 23.57 20.46
CA GLU A 220 25.15 23.68 21.78
C GLU A 220 23.94 24.57 21.63
N LYS A 221 24.15 25.69 20.92
CA LYS A 221 23.08 26.64 20.67
C LYS A 221 21.91 25.90 20.01
N SER A 222 22.22 25.17 18.94
CA SER A 222 21.21 24.41 18.21
C SER A 222 20.41 23.44 19.09
N VAL A 223 21.11 22.67 19.93
CA VAL A 223 20.42 21.74 20.81
C VAL A 223 19.53 22.49 21.81
N MET A 224 20.05 23.56 22.39
CA MET A 224 19.28 24.38 23.35
C MET A 224 18.05 25.01 22.71
N ASP A 225 18.21 25.58 21.51
CA ASP A 225 17.07 26.20 20.83
C ASP A 225 15.96 25.19 20.52
N GLY A 226 16.35 24.00 20.07
CA GLY A 226 15.37 22.97 19.75
C GLY A 226 14.60 22.46 20.96
N ALA A 227 15.28 22.36 22.10
CA ALA A 227 14.67 21.89 23.33
C ALA A 227 13.55 22.83 23.78
N LYS A 228 13.74 24.14 23.60
CA LYS A 228 12.73 25.11 24.00
C LYS A 228 11.46 24.92 23.18
N ALA A 229 11.63 24.63 21.89
CA ALA A 229 10.48 24.43 21.01
C ALA A 229 9.74 23.16 21.43
N VAL A 230 10.49 22.11 21.72
CA VAL A 230 9.90 20.84 22.14
C VAL A 230 9.14 21.04 23.46
N LEU A 231 9.78 21.69 24.44
CA LEU A 231 9.15 21.92 25.73
C LEU A 231 7.87 22.74 25.54
N ASP A 232 7.91 23.70 24.62
CA ASP A 232 6.75 24.52 24.32
C ASP A 232 5.63 23.62 23.81
N THR A 233 6.00 22.70 22.92
CA THR A 233 5.02 21.77 22.34
C THR A 233 4.43 20.87 23.42
N LEU A 234 5.30 20.24 24.21
CA LEU A 234 4.88 19.34 25.27
C LEU A 234 3.93 19.99 26.28
N THR A 235 4.03 21.31 26.42
CA THR A 235 3.19 22.03 27.37
C THR A 235 2.11 22.90 26.72
N SER A 236 1.91 22.72 25.42
CA SER A 236 0.90 23.48 24.69
C SER A 236 -0.46 22.80 24.81
N PRO B 3 -22.12 -11.33 -2.97
CA PRO B 3 -20.98 -10.67 -3.65
C PRO B 3 -21.22 -9.18 -3.73
N VAL B 4 -20.16 -8.39 -3.59
CA VAL B 4 -20.30 -6.95 -3.65
C VAL B 4 -19.67 -6.33 -4.90
N HIS B 5 -18.93 -7.13 -5.67
CA HIS B 5 -18.30 -6.61 -6.88
C HIS B 5 -19.06 -7.04 -8.14
N ILE B 6 -19.26 -8.34 -8.30
CA ILE B 6 -20.01 -8.86 -9.45
C ILE B 6 -21.45 -9.05 -8.97
N LEU B 7 -22.33 -8.14 -9.39
CA LEU B 7 -23.72 -8.16 -8.96
C LEU B 7 -24.68 -8.94 -9.85
N ALA B 8 -24.25 -10.06 -10.40
CA ALA B 8 -25.12 -10.86 -11.24
C ALA B 8 -26.03 -11.65 -10.30
N LYS B 9 -27.20 -12.07 -10.77
CA LYS B 9 -28.10 -12.85 -9.92
C LYS B 9 -27.64 -14.30 -9.99
N LYS B 10 -27.69 -15.03 -8.87
CA LYS B 10 -27.27 -16.43 -8.93
C LYS B 10 -28.21 -17.02 -9.96
N GLY B 11 -27.71 -17.93 -10.79
CA GLY B 11 -28.54 -18.51 -11.82
C GLY B 11 -28.28 -17.75 -13.11
N GLU B 12 -27.34 -16.81 -13.03
CA GLU B 12 -26.96 -16.01 -14.19
C GLU B 12 -25.49 -16.29 -14.49
N VAL B 13 -24.86 -17.09 -13.64
CA VAL B 13 -23.45 -17.45 -13.84
C VAL B 13 -23.38 -18.96 -14.08
N ALA B 14 -22.70 -19.36 -15.16
CA ALA B 14 -22.57 -20.77 -15.50
C ALA B 14 -21.52 -21.45 -14.61
N GLU B 15 -21.62 -22.77 -14.47
CA GLU B 15 -20.65 -23.50 -13.68
C GLU B 15 -19.30 -23.42 -14.40
N ARG B 16 -19.38 -23.33 -15.73
CA ARG B 16 -18.21 -23.27 -16.61
C ARG B 16 -17.92 -21.81 -16.97
N VAL B 17 -16.73 -21.36 -16.63
CA VAL B 17 -16.37 -19.98 -16.91
C VAL B 17 -15.01 -19.79 -17.58
N LEU B 18 -14.99 -18.93 -18.59
CA LEU B 18 -13.78 -18.58 -19.30
C LEU B 18 -13.51 -17.17 -18.75
N VAL B 19 -12.36 -16.98 -18.10
CA VAL B 19 -12.02 -15.69 -17.52
C VAL B 19 -10.88 -14.99 -18.25
N VAL B 20 -11.05 -13.68 -18.48
CA VAL B 20 -10.06 -12.89 -19.17
C VAL B 20 -9.81 -11.60 -18.39
N GLY B 21 -8.60 -11.09 -18.47
CA GLY B 21 -8.27 -9.88 -17.76
C GLY B 21 -8.87 -8.61 -18.33
N ASP B 22 -8.92 -8.54 -19.66
CA ASP B 22 -9.43 -7.36 -20.38
C ASP B 22 -10.93 -7.36 -20.68
N PRO B 23 -11.63 -6.30 -20.23
CA PRO B 23 -13.08 -6.16 -20.45
C PRO B 23 -13.38 -6.18 -21.94
N GLY B 24 -12.53 -5.52 -22.71
CA GLY B 24 -12.69 -5.46 -24.16
C GLY B 24 -12.69 -6.86 -24.75
N ARG B 25 -11.80 -7.72 -24.26
CA ARG B 25 -11.71 -9.09 -24.74
C ARG B 25 -12.99 -9.87 -24.39
N ALA B 26 -13.56 -9.59 -23.22
CA ALA B 26 -14.77 -10.29 -22.81
C ALA B 26 -15.91 -9.95 -23.77
N ARG B 27 -16.05 -8.67 -24.12
CA ARG B 27 -17.11 -8.25 -25.04
C ARG B 27 -16.94 -8.90 -26.41
N LEU B 28 -15.71 -8.90 -26.92
CA LEU B 28 -15.39 -9.45 -28.24
C LEU B 28 -15.61 -10.97 -28.32
N LEU B 29 -15.26 -11.69 -27.26
CA LEU B 29 -15.40 -13.15 -27.25
C LEU B 29 -16.82 -13.61 -26.95
N SER B 30 -17.71 -12.68 -26.56
CA SER B 30 -19.08 -13.05 -26.26
C SER B 30 -19.84 -13.32 -27.57
N THR B 31 -19.34 -12.77 -28.66
CA THR B 31 -19.99 -12.97 -29.96
C THR B 31 -19.83 -14.40 -30.41
N LEU B 32 -18.98 -15.17 -29.71
CA LEU B 32 -18.75 -16.57 -30.02
C LEU B 32 -19.82 -17.45 -29.38
N LEU B 33 -20.58 -16.88 -28.44
CA LEU B 33 -21.62 -17.63 -27.76
C LEU B 33 -22.98 -17.46 -28.44
N GLN B 34 -23.91 -18.36 -28.13
CA GLN B 34 -25.26 -18.28 -28.69
C GLN B 34 -26.13 -17.53 -27.68
N ASN B 35 -26.82 -16.49 -28.14
CA ASN B 35 -27.72 -15.73 -27.30
C ASN B 35 -27.05 -15.11 -26.07
N PRO B 36 -25.88 -14.46 -26.25
CA PRO B 36 -25.14 -13.84 -25.15
C PRO B 36 -25.99 -12.81 -24.42
N LYS B 37 -25.87 -12.78 -23.09
CA LYS B 37 -26.59 -11.83 -22.26
C LYS B 37 -25.59 -11.21 -21.26
N LEU B 38 -25.64 -9.90 -21.06
CA LEU B 38 -24.74 -9.26 -20.12
C LEU B 38 -25.32 -9.40 -18.71
N THR B 39 -24.64 -10.15 -17.83
CA THR B 39 -25.11 -10.35 -16.47
C THR B 39 -24.45 -9.45 -15.41
N ASN B 40 -23.40 -8.72 -15.78
CA ASN B 40 -22.77 -7.77 -14.87
C ASN B 40 -21.79 -6.81 -15.52
N GLU B 41 -21.79 -5.58 -15.02
CA GLU B 41 -20.88 -4.55 -15.51
C GLU B 41 -20.31 -3.74 -14.34
N ASN B 42 -20.70 -4.09 -13.12
CA ASN B 42 -20.21 -3.36 -11.95
C ASN B 42 -18.69 -3.37 -11.86
N ARG B 43 -18.13 -2.19 -11.58
CA ARG B 43 -16.69 -2.01 -11.46
C ARG B 43 -15.94 -2.40 -12.71
N GLY B 44 -16.63 -2.38 -13.85
CA GLY B 44 -15.98 -2.72 -15.10
C GLY B 44 -15.73 -4.21 -15.31
N PHE B 45 -16.23 -5.04 -14.39
CA PHE B 45 -16.05 -6.48 -14.50
C PHE B 45 -17.15 -7.11 -15.35
N LEU B 46 -17.02 -6.98 -16.67
CA LEU B 46 -18.03 -7.50 -17.58
C LEU B 46 -18.15 -9.02 -17.54
N VAL B 47 -19.38 -9.49 -17.38
CA VAL B 47 -19.68 -10.92 -17.37
C VAL B 47 -20.83 -11.24 -18.34
N TYR B 48 -20.57 -12.09 -19.32
CA TYR B 48 -21.61 -12.50 -20.28
C TYR B 48 -21.91 -13.98 -20.11
N THR B 49 -23.19 -14.34 -20.23
CA THR B 49 -23.60 -15.74 -20.10
C THR B 49 -24.43 -16.17 -21.32
N GLY B 50 -24.15 -17.37 -21.82
CA GLY B 50 -24.89 -17.89 -22.96
C GLY B 50 -24.67 -19.39 -23.18
N LYS B 51 -24.93 -19.86 -24.38
CA LYS B 51 -24.76 -21.29 -24.68
C LYS B 51 -23.66 -21.50 -25.71
N TYR B 52 -23.11 -22.71 -25.71
CA TYR B 52 -22.05 -23.09 -26.66
C TYR B 52 -22.16 -24.60 -26.74
N ASN B 53 -22.42 -25.09 -27.95
CA ASN B 53 -22.59 -26.51 -28.23
C ASN B 53 -23.23 -27.34 -27.12
N GLY B 54 -24.48 -27.01 -26.82
CA GLY B 54 -25.26 -27.73 -25.83
C GLY B 54 -25.03 -27.46 -24.36
N GLU B 55 -24.21 -26.47 -24.04
CA GLU B 55 -23.91 -26.17 -22.66
C GLU B 55 -23.99 -24.66 -22.37
N THR B 56 -24.34 -24.33 -21.14
CA THR B 56 -24.40 -22.93 -20.72
C THR B 56 -22.97 -22.56 -20.33
N VAL B 57 -22.51 -21.40 -20.75
CA VAL B 57 -21.15 -20.96 -20.46
C VAL B 57 -21.11 -19.45 -20.19
N SER B 58 -20.17 -19.04 -19.35
CA SER B 58 -19.99 -17.63 -19.01
C SER B 58 -18.58 -17.15 -19.32
N ILE B 59 -18.47 -15.87 -19.67
CA ILE B 59 -17.20 -15.23 -19.97
C ILE B 59 -17.13 -14.04 -19.00
N ALA B 60 -16.09 -14.02 -18.17
CA ALA B 60 -15.93 -12.97 -17.15
C ALA B 60 -14.59 -12.22 -17.16
N THR B 61 -14.64 -10.96 -16.75
CA THR B 61 -13.47 -10.11 -16.69
C THR B 61 -12.85 -10.19 -15.29
N HIS B 62 -11.53 -10.38 -15.20
CA HIS B 62 -10.92 -10.46 -13.88
C HIS B 62 -9.93 -9.34 -13.51
N GLY B 63 -9.70 -8.41 -14.44
CA GLY B 63 -8.80 -7.30 -14.16
C GLY B 63 -7.35 -7.70 -14.08
N ILE B 64 -6.51 -6.83 -13.54
CA ILE B 64 -5.08 -7.12 -13.45
C ILE B 64 -4.59 -7.43 -12.03
N GLY B 65 -3.81 -8.50 -11.90
CA GLY B 65 -3.26 -8.85 -10.58
C GLY B 65 -3.97 -9.84 -9.67
N GLY B 66 -3.17 -10.55 -8.88
CA GLY B 66 -3.69 -11.54 -7.96
C GLY B 66 -4.86 -11.09 -7.09
N PRO B 67 -4.77 -9.93 -6.42
CA PRO B 67 -5.86 -9.46 -5.57
C PRO B 67 -7.18 -9.28 -6.32
N SER B 68 -7.09 -8.79 -7.56
CA SER B 68 -8.29 -8.57 -8.36
C SER B 68 -8.95 -9.88 -8.78
N ILE B 69 -8.16 -10.79 -9.37
CA ILE B 69 -8.73 -12.07 -9.79
C ILE B 69 -9.22 -12.90 -8.60
N ALA B 70 -8.60 -12.73 -7.44
CA ALA B 70 -9.02 -13.48 -6.26
C ALA B 70 -10.47 -13.11 -5.91
N ILE B 71 -10.75 -11.82 -5.86
CA ILE B 71 -12.08 -11.34 -5.55
C ILE B 71 -13.10 -11.85 -6.57
N VAL B 72 -12.78 -11.65 -7.85
CA VAL B 72 -13.69 -12.10 -8.91
C VAL B 72 -13.95 -13.61 -8.85
N LEU B 73 -12.89 -14.41 -8.70
CA LEU B 73 -13.05 -15.86 -8.62
C LEU B 73 -13.93 -16.26 -7.44
N GLU B 74 -13.67 -15.68 -6.28
CA GLU B 74 -14.45 -15.99 -5.08
C GLU B 74 -15.95 -15.74 -5.31
N GLU B 75 -16.29 -14.58 -5.85
CA GLU B 75 -17.68 -14.20 -6.09
C GLU B 75 -18.38 -15.02 -7.19
N LEU B 76 -17.67 -15.36 -8.26
CA LEU B 76 -18.29 -16.16 -9.33
C LEU B 76 -18.65 -17.52 -8.73
N ALA B 77 -17.76 -18.03 -7.87
CA ALA B 77 -17.98 -19.30 -7.21
C ALA B 77 -19.22 -19.21 -6.32
N MET B 78 -19.35 -18.11 -5.58
CA MET B 78 -20.50 -17.90 -4.71
C MET B 78 -21.77 -17.82 -5.56
N LEU B 79 -21.61 -17.57 -6.85
CA LEU B 79 -22.73 -17.46 -7.77
C LEU B 79 -22.96 -18.76 -8.54
N GLY B 80 -22.21 -19.79 -8.18
CA GLY B 80 -22.37 -21.08 -8.84
C GLY B 80 -21.25 -21.63 -9.72
N ALA B 81 -20.20 -20.87 -9.98
CA ALA B 81 -19.11 -21.36 -10.83
C ALA B 81 -18.11 -22.27 -10.09
N ASN B 82 -17.61 -23.30 -10.79
CA ASN B 82 -16.64 -24.22 -10.21
C ASN B 82 -15.59 -24.73 -11.20
N VAL B 83 -15.68 -24.27 -12.44
CA VAL B 83 -14.71 -24.66 -13.46
C VAL B 83 -14.23 -23.38 -14.14
N PHE B 84 -12.96 -23.04 -13.95
CA PHE B 84 -12.37 -21.83 -14.52
C PHE B 84 -11.21 -22.06 -15.48
N ILE B 85 -11.28 -21.47 -16.66
CA ILE B 85 -10.17 -21.56 -17.59
C ILE B 85 -9.81 -20.13 -17.96
N ARG B 86 -8.64 -19.70 -17.53
CA ARG B 86 -8.17 -18.36 -17.82
C ARG B 86 -7.55 -18.31 -19.22
N TYR B 87 -7.86 -17.25 -19.95
CA TYR B 87 -7.33 -17.04 -21.29
C TYR B 87 -6.77 -15.63 -21.31
N GLY B 88 -5.46 -15.50 -21.47
CA GLY B 88 -4.87 -14.17 -21.49
C GLY B 88 -3.64 -14.04 -22.38
N THR B 89 -2.91 -12.96 -22.19
CA THR B 89 -1.70 -12.67 -22.96
C THR B 89 -0.48 -12.94 -22.09
N THR B 90 0.66 -13.16 -22.73
CA THR B 90 1.86 -13.43 -21.97
C THR B 90 3.14 -13.03 -22.70
N GLY B 91 4.22 -12.95 -21.95
CA GLY B 91 5.50 -12.60 -22.55
C GLY B 91 6.42 -13.81 -22.48
N ALA B 92 6.84 -14.29 -23.65
CA ALA B 92 7.73 -15.44 -23.73
C ALA B 92 9.11 -15.12 -23.11
N LEU B 93 9.70 -16.12 -22.45
CA LEU B 93 11.01 -15.98 -21.81
C LEU B 93 12.09 -16.80 -22.49
N VAL B 94 11.69 -17.57 -23.50
CA VAL B 94 12.62 -18.40 -24.28
C VAL B 94 12.50 -17.95 -25.75
N PRO B 95 13.64 -17.86 -26.45
CA PRO B 95 13.74 -17.43 -27.85
C PRO B 95 12.97 -18.15 -28.96
N TYR B 96 12.74 -19.45 -28.81
CA TYR B 96 12.07 -20.21 -29.86
C TYR B 96 10.56 -20.05 -30.02
N ILE B 97 9.89 -19.39 -29.08
CA ILE B 97 8.44 -19.20 -29.20
C ILE B 97 8.12 -17.92 -29.96
N ASN B 98 7.24 -18.05 -30.96
CA ASN B 98 6.87 -16.91 -31.79
C ASN B 98 5.56 -16.26 -31.35
N LEU B 99 5.40 -15.00 -31.72
CA LEU B 99 4.19 -14.26 -31.39
C LEU B 99 3.01 -14.93 -32.06
N GLY B 100 1.87 -14.94 -31.38
CA GLY B 100 0.68 -15.55 -31.93
C GLY B 100 0.49 -17.01 -31.53
N GLU B 101 1.58 -17.64 -31.09
CA GLU B 101 1.50 -19.03 -30.68
C GLU B 101 0.92 -19.10 -29.27
N TYR B 102 0.60 -20.30 -28.79
CA TYR B 102 0.01 -20.44 -27.46
C TYR B 102 0.85 -21.21 -26.44
N ILE B 103 0.60 -20.93 -25.17
CA ILE B 103 1.29 -21.61 -24.08
C ILE B 103 0.24 -22.15 -23.14
N ILE B 104 0.22 -23.48 -22.99
CA ILE B 104 -0.71 -24.15 -22.09
C ILE B 104 0.08 -24.37 -20.79
N VAL B 105 -0.35 -23.68 -19.74
CA VAL B 105 0.29 -23.68 -18.43
C VAL B 105 0.19 -24.91 -17.54
N THR B 106 1.34 -25.39 -17.07
CA THR B 106 1.41 -26.57 -16.21
C THR B 106 1.75 -26.24 -14.75
N GLY B 107 2.04 -24.98 -14.48
CA GLY B 107 2.37 -24.57 -13.13
C GLY B 107 2.77 -23.11 -13.08
N ALA B 108 2.79 -22.54 -11.88
CA ALA B 108 3.15 -21.14 -11.71
C ALA B 108 4.14 -20.87 -10.58
N SER B 109 5.18 -20.11 -10.88
CA SER B 109 6.16 -19.73 -9.88
C SER B 109 5.71 -18.35 -9.38
N TYR B 110 6.01 -18.03 -8.13
CA TYR B 110 5.63 -16.73 -7.57
C TYR B 110 6.51 -16.34 -6.39
N ASN B 111 6.56 -15.04 -6.08
CA ASN B 111 7.32 -14.56 -4.93
C ASN B 111 6.27 -14.64 -3.82
N GLN B 112 6.65 -15.12 -2.65
CA GLN B 112 5.67 -15.25 -1.59
C GLN B 112 5.34 -13.99 -0.83
N GLY B 113 4.30 -14.09 0.00
CA GLY B 113 3.86 -12.97 0.81
C GLY B 113 2.41 -12.58 0.58
N GLY B 114 2.09 -11.35 0.96
CA GLY B 114 0.77 -10.79 0.81
C GLY B 114 -0.44 -11.72 0.76
N LEU B 115 -1.01 -11.83 -0.44
CA LEU B 115 -2.18 -12.65 -0.69
C LEU B 115 -2.00 -14.11 -0.29
N PHE B 116 -0.86 -14.70 -0.65
CA PHE B 116 -0.61 -16.09 -0.31
C PHE B 116 -0.50 -16.28 1.21
N TYR B 117 0.09 -15.32 1.90
CA TYR B 117 0.24 -15.41 3.36
C TYR B 117 -1.13 -15.33 4.05
N GLN B 118 -1.99 -14.42 3.59
CA GLN B 118 -3.31 -14.29 4.20
C GLN B 118 -4.15 -15.55 4.00
N TYR B 119 -4.08 -16.12 2.79
CA TYR B 119 -4.85 -17.32 2.49
C TYR B 119 -4.26 -18.61 3.10
N LEU B 120 -2.95 -18.78 3.02
CA LEU B 120 -2.28 -19.98 3.54
C LEU B 120 -1.88 -19.90 5.02
N ARG B 121 -1.78 -18.70 5.56
CA ARG B 121 -1.45 -18.49 6.96
C ARG B 121 0.01 -18.67 7.41
N ASP B 122 0.90 -19.00 6.46
CA ASP B 122 2.35 -19.09 6.71
C ASP B 122 3.02 -19.02 5.34
N ASN B 123 4.34 -19.14 5.27
CA ASN B 123 5.03 -19.04 3.97
C ASN B 123 5.37 -20.32 3.19
N ALA B 124 4.69 -21.43 3.48
CA ALA B 124 4.98 -22.66 2.76
C ALA B 124 4.75 -22.49 1.27
N CYS B 125 5.60 -23.11 0.46
CA CYS B 125 5.46 -23.05 -0.99
C CYS B 125 4.48 -24.14 -1.47
N VAL B 126 3.18 -23.86 -1.38
CA VAL B 126 2.17 -24.80 -1.81
C VAL B 126 2.18 -24.92 -3.34
N ALA B 127 2.24 -26.15 -3.84
CA ALA B 127 2.27 -26.38 -5.27
C ALA B 127 1.12 -25.65 -5.99
N SER B 128 1.47 -24.70 -6.86
CA SER B 128 0.48 -23.91 -7.60
C SER B 128 0.36 -24.50 -9.01
N THR B 129 -0.50 -25.49 -9.15
CA THR B 129 -0.71 -26.18 -10.42
C THR B 129 -2.19 -26.22 -10.81
N PRO B 130 -2.48 -26.46 -12.10
CA PRO B 130 -3.86 -26.53 -12.62
C PRO B 130 -4.42 -27.94 -12.46
N ASP B 131 -5.69 -28.11 -12.79
CA ASP B 131 -6.31 -29.44 -12.71
C ASP B 131 -5.70 -30.28 -13.85
N PHE B 132 -5.17 -31.45 -13.50
CA PHE B 132 -4.50 -32.33 -14.47
C PHE B 132 -5.41 -32.71 -15.65
N GLU B 133 -6.62 -33.16 -15.33
CA GLU B 133 -7.56 -33.57 -16.36
C GLU B 133 -7.92 -32.42 -17.30
N LEU B 134 -8.47 -31.36 -16.73
CA LEU B 134 -8.86 -30.21 -17.54
C LEU B 134 -7.70 -29.76 -18.45
N THR B 135 -6.48 -29.78 -17.94
CA THR B 135 -5.34 -29.36 -18.74
C THR B 135 -5.10 -30.27 -19.95
N ASN B 136 -5.27 -31.57 -19.80
CA ASN B 136 -5.07 -32.45 -20.93
C ASN B 136 -6.16 -32.23 -22.00
N LYS B 137 -7.38 -31.93 -21.54
CA LYS B 137 -8.49 -31.64 -22.46
C LYS B 137 -8.16 -30.40 -23.31
N LEU B 138 -7.46 -29.43 -22.72
CA LEU B 138 -7.07 -28.23 -23.47
C LEU B 138 -6.07 -28.62 -24.55
N VAL B 139 -5.08 -29.43 -24.17
CA VAL B 139 -4.08 -29.88 -25.10
C VAL B 139 -4.79 -30.56 -26.29
N THR B 140 -5.77 -31.40 -25.98
CA THR B 140 -6.50 -32.09 -27.04
C THR B 140 -7.24 -31.12 -27.95
N SER B 141 -7.94 -30.16 -27.36
CA SER B 141 -8.67 -29.18 -28.16
C SER B 141 -7.75 -28.39 -29.07
N PHE B 142 -6.67 -27.83 -28.53
CA PHE B 142 -5.74 -27.07 -29.35
C PHE B 142 -5.12 -27.92 -30.44
N SER B 143 -4.90 -29.20 -30.15
CA SER B 143 -4.35 -30.13 -31.15
C SER B 143 -5.38 -30.33 -32.25
N LYS B 144 -6.62 -30.55 -31.86
CA LYS B 144 -7.69 -30.77 -32.83
C LYS B 144 -7.85 -29.60 -33.81
N ARG B 145 -7.66 -28.37 -33.35
CA ARG B 145 -7.77 -27.22 -34.26
C ARG B 145 -6.45 -26.89 -34.96
N ASN B 146 -5.47 -27.79 -34.86
CA ASN B 146 -4.17 -27.61 -35.51
C ASN B 146 -3.42 -26.35 -35.06
N LEU B 147 -3.58 -25.96 -33.80
CA LEU B 147 -2.92 -24.76 -33.29
C LEU B 147 -1.54 -25.08 -32.68
N LYS B 148 -0.58 -24.20 -32.91
CA LYS B 148 0.78 -24.37 -32.39
C LYS B 148 0.86 -23.90 -30.95
N TYR B 149 1.32 -24.77 -30.06
CA TYR B 149 1.41 -24.43 -28.66
C TYR B 149 2.59 -25.12 -27.98
N TYR B 150 2.88 -24.67 -26.77
CA TYR B 150 3.95 -25.26 -25.98
C TYR B 150 3.37 -25.45 -24.59
N VAL B 151 3.90 -26.42 -23.85
CA VAL B 151 3.40 -26.69 -22.51
C VAL B 151 4.51 -26.40 -21.50
N GLY B 152 4.18 -25.61 -20.48
CA GLY B 152 5.20 -25.30 -19.48
C GLY B 152 4.76 -24.41 -18.33
N ASN B 153 5.71 -24.13 -17.44
CA ASN B 153 5.49 -23.29 -16.26
C ASN B 153 5.63 -21.81 -16.61
N VAL B 154 4.98 -20.96 -15.83
CA VAL B 154 5.08 -19.52 -16.04
C VAL B 154 5.34 -18.85 -14.70
N PHE B 155 5.88 -17.64 -14.75
CA PHE B 155 6.14 -16.88 -13.54
C PHE B 155 5.04 -15.82 -13.42
N SER B 156 4.34 -15.82 -12.28
CA SER B 156 3.28 -14.84 -12.04
C SER B 156 3.83 -13.63 -11.27
N SER B 157 4.20 -12.58 -12.00
CA SER B 157 4.74 -11.36 -11.42
C SER B 157 3.66 -10.44 -10.83
N ASP B 158 4.06 -9.63 -9.85
CA ASP B 158 3.14 -8.68 -9.22
C ASP B 158 3.50 -7.25 -9.60
N ALA B 159 4.70 -7.05 -10.13
CA ALA B 159 5.19 -5.73 -10.50
C ALA B 159 5.65 -5.67 -11.95
N PHE B 160 4.74 -5.25 -12.82
CA PHE B 160 5.02 -5.14 -14.26
C PHE B 160 6.22 -4.24 -14.53
N TYR B 161 6.32 -3.15 -13.77
CA TYR B 161 7.40 -2.19 -13.99
C TYR B 161 8.62 -2.23 -13.08
N ALA B 162 8.68 -3.18 -12.15
CA ALA B 162 9.85 -3.28 -11.27
C ALA B 162 11.09 -3.62 -12.11
N GLU B 163 12.22 -3.00 -11.80
CA GLU B 163 13.46 -3.23 -12.55
C GLU B 163 14.25 -4.42 -12.03
N ASP B 164 14.66 -5.29 -12.95
CA ASP B 164 15.47 -6.47 -12.63
C ASP B 164 16.34 -6.73 -13.84
N GLU B 165 17.60 -6.31 -13.75
CA GLU B 165 18.58 -6.45 -14.82
C GLU B 165 18.79 -7.88 -15.31
N GLU B 166 18.44 -8.88 -14.50
CA GLU B 166 18.62 -10.26 -14.91
C GLU B 166 17.32 -11.05 -14.98
N PHE B 167 16.22 -10.33 -15.20
CA PHE B 167 14.88 -10.91 -15.25
C PHE B 167 14.73 -12.17 -16.11
N VAL B 168 14.94 -12.05 -17.42
CA VAL B 168 14.81 -13.19 -18.32
C VAL B 168 15.65 -14.40 -17.93
N LYS B 169 16.95 -14.21 -17.70
CA LYS B 169 17.81 -15.32 -17.34
C LYS B 169 17.37 -16.01 -16.04
N LYS B 170 17.06 -15.22 -15.03
CA LYS B 170 16.64 -15.74 -13.73
C LYS B 170 15.42 -16.66 -13.77
N TRP B 171 14.32 -16.17 -14.35
CA TRP B 171 13.10 -16.96 -14.43
C TRP B 171 13.14 -18.09 -15.46
N SER B 172 13.86 -17.89 -16.55
CA SER B 172 13.95 -18.93 -17.57
C SER B 172 14.82 -20.08 -17.04
N SER B 173 15.83 -19.77 -16.23
CA SER B 173 16.70 -20.81 -15.69
C SER B 173 15.98 -21.56 -14.57
N ARG B 174 14.81 -21.05 -14.18
CA ARG B 174 14.02 -21.68 -13.13
C ARG B 174 12.84 -22.49 -13.68
N GLY B 175 12.95 -22.92 -14.93
CA GLY B 175 11.89 -23.72 -15.56
C GLY B 175 10.67 -23.00 -16.09
N ASN B 176 10.70 -21.67 -16.11
CA ASN B 176 9.56 -20.90 -16.61
C ASN B 176 9.80 -20.51 -18.08
N ILE B 177 8.75 -20.57 -18.90
CA ILE B 177 8.89 -20.22 -20.32
C ILE B 177 8.15 -18.94 -20.71
N ALA B 178 7.49 -18.33 -19.72
CA ALA B 178 6.74 -17.09 -19.94
C ALA B 178 6.38 -16.39 -18.63
N VAL B 179 6.03 -15.11 -18.72
CA VAL B 179 5.66 -14.36 -17.54
C VAL B 179 4.27 -13.75 -17.70
N GLU B 180 3.49 -13.84 -16.63
CA GLU B 180 2.13 -13.33 -16.60
C GLU B 180 1.91 -12.79 -15.19
N MET B 181 0.67 -12.54 -14.78
CA MET B 181 0.44 -12.00 -13.44
C MET B 181 -0.62 -12.63 -12.52
N GLU B 182 -1.42 -13.57 -13.02
CA GLU B 182 -2.40 -14.14 -12.12
C GLU B 182 -2.68 -15.64 -12.07
N CYS B 183 -1.90 -16.46 -12.76
CA CYS B 183 -2.20 -17.89 -12.69
C CYS B 183 -1.87 -18.49 -11.32
N ALA B 184 -0.79 -18.05 -10.68
CA ALA B 184 -0.43 -18.58 -9.36
C ALA B 184 -1.60 -18.38 -8.39
N THR B 185 -2.20 -17.20 -8.42
CA THR B 185 -3.33 -16.93 -7.55
C THR B 185 -4.48 -17.88 -7.95
N LEU B 186 -4.72 -17.99 -9.25
CA LEU B 186 -5.78 -18.86 -9.76
C LEU B 186 -5.59 -20.32 -9.34
N PHE B 187 -4.42 -20.89 -9.62
CA PHE B 187 -4.14 -22.29 -9.28
C PHE B 187 -4.22 -22.60 -7.77
N THR B 188 -3.55 -21.79 -6.96
CA THR B 188 -3.55 -22.00 -5.51
C THR B 188 -4.92 -21.89 -4.86
N LEU B 189 -5.63 -20.81 -5.14
CA LEU B 189 -6.94 -20.62 -4.55
C LEU B 189 -7.87 -21.75 -5.02
N SER B 190 -7.72 -22.18 -6.27
CA SER B 190 -8.56 -23.27 -6.78
C SER B 190 -8.29 -24.57 -6.01
N LYS B 191 -7.02 -24.82 -5.69
CA LYS B 191 -6.64 -26.02 -4.95
C LYS B 191 -7.24 -26.01 -3.55
N VAL B 192 -7.22 -24.84 -2.91
CA VAL B 192 -7.76 -24.65 -1.56
C VAL B 192 -9.29 -24.67 -1.53
N LYS B 193 -9.92 -24.12 -2.55
CA LYS B 193 -11.38 -24.06 -2.64
C LYS B 193 -12.06 -25.24 -3.32
N GLY B 194 -11.28 -26.09 -3.98
CA GLY B 194 -11.86 -27.25 -4.66
C GLY B 194 -12.36 -26.96 -6.07
N TRP B 195 -11.89 -25.87 -6.68
CA TRP B 195 -12.32 -25.54 -8.04
C TRP B 195 -11.42 -26.22 -9.05
N LYS B 196 -11.94 -26.41 -10.27
CA LYS B 196 -11.17 -27.02 -11.35
C LYS B 196 -10.74 -25.92 -12.30
N SER B 197 -9.44 -25.66 -12.37
CA SER B 197 -8.95 -24.58 -13.22
C SER B 197 -7.79 -24.93 -14.13
N ALA B 198 -7.62 -24.13 -15.17
CA ALA B 198 -6.56 -24.29 -16.16
C ALA B 198 -6.29 -22.96 -16.86
N THR B 199 -5.23 -22.90 -17.66
CA THR B 199 -4.89 -21.65 -18.36
C THR B 199 -4.16 -21.86 -19.69
N VAL B 200 -4.52 -21.04 -20.68
CA VAL B 200 -3.88 -21.04 -21.98
C VAL B 200 -3.59 -19.57 -22.23
N LEU B 201 -2.40 -19.26 -22.73
CA LEU B 201 -2.01 -17.89 -22.96
C LEU B 201 -1.61 -17.64 -24.42
N VAL B 202 -1.84 -16.40 -24.87
CA VAL B 202 -1.46 -15.99 -26.22
C VAL B 202 -0.18 -15.19 -26.07
N VAL B 203 0.88 -15.58 -26.77
CA VAL B 203 2.14 -14.86 -26.68
C VAL B 203 2.00 -13.55 -27.43
N SER B 204 2.02 -12.43 -26.72
CA SER B 204 1.92 -11.15 -27.42
C SER B 204 3.29 -10.50 -27.62
N ASP B 205 4.29 -10.99 -26.91
CA ASP B 205 5.66 -10.48 -27.07
C ASP B 205 6.71 -11.44 -26.52
N ASN B 206 7.95 -11.27 -26.97
CA ASN B 206 9.03 -12.14 -26.53
C ASN B 206 10.11 -11.27 -25.90
N LEU B 207 10.27 -11.43 -24.58
CA LEU B 207 11.25 -10.68 -23.82
C LEU B 207 12.66 -11.21 -24.06
N ALA B 208 12.75 -12.46 -24.50
CA ALA B 208 14.03 -13.10 -24.78
C ALA B 208 14.56 -12.70 -26.15
N GLU B 217 -4.19 -7.94 -36.55
CA GLU B 217 -4.66 -8.82 -37.66
C GLU B 217 -4.25 -10.27 -37.35
N GLU B 218 -2.95 -10.49 -37.21
CA GLU B 218 -2.44 -11.82 -36.91
C GLU B 218 -2.85 -12.17 -35.48
N LEU B 219 -2.73 -11.18 -34.61
CA LEU B 219 -3.07 -11.34 -33.20
C LEU B 219 -4.56 -11.59 -33.04
N GLU B 220 -5.38 -10.72 -33.64
CA GLU B 220 -6.84 -10.87 -33.59
C GLU B 220 -7.21 -12.32 -33.84
N LYS B 221 -6.88 -12.81 -35.02
CA LYS B 221 -7.19 -14.17 -35.39
C LYS B 221 -6.64 -15.19 -34.39
N SER B 222 -5.45 -14.90 -33.85
CA SER B 222 -4.85 -15.80 -32.89
C SER B 222 -5.75 -15.86 -31.68
N VAL B 223 -6.08 -14.69 -31.14
CA VAL B 223 -6.95 -14.57 -29.98
C VAL B 223 -8.28 -15.30 -30.22
N MET B 224 -8.88 -15.09 -31.39
CA MET B 224 -10.15 -15.75 -31.74
C MET B 224 -10.07 -17.27 -31.84
N ASP B 225 -9.08 -17.80 -32.56
CA ASP B 225 -8.96 -19.26 -32.68
C ASP B 225 -8.76 -19.89 -31.30
N GLY B 226 -7.87 -19.31 -30.50
CA GLY B 226 -7.64 -19.84 -29.17
C GLY B 226 -8.91 -19.90 -28.35
N ALA B 227 -9.71 -18.84 -28.44
CA ALA B 227 -10.96 -18.77 -27.69
C ALA B 227 -11.90 -19.92 -28.05
N LYS B 228 -11.98 -20.24 -29.34
CA LYS B 228 -12.84 -21.34 -29.78
C LYS B 228 -12.32 -22.63 -29.16
N ALA B 229 -11.01 -22.78 -29.11
CA ALA B 229 -10.40 -23.98 -28.53
C ALA B 229 -10.77 -24.07 -27.03
N VAL B 230 -10.73 -22.95 -26.32
CA VAL B 230 -11.08 -22.97 -24.91
C VAL B 230 -12.56 -23.33 -24.68
N LEU B 231 -13.46 -22.76 -25.49
CA LEU B 231 -14.88 -23.05 -25.36
C LEU B 231 -15.19 -24.53 -25.63
N ASP B 232 -14.51 -25.14 -26.60
CA ASP B 232 -14.71 -26.55 -26.90
C ASP B 232 -14.35 -27.35 -25.63
N THR B 233 -13.18 -27.06 -25.09
CA THR B 233 -12.69 -27.73 -23.89
C THR B 233 -13.67 -27.62 -22.74
N LEU B 234 -14.15 -26.41 -22.46
CA LEU B 234 -15.09 -26.17 -21.37
C LEU B 234 -16.41 -26.93 -21.56
N THR B 235 -16.75 -27.27 -22.79
CA THR B 235 -18.01 -27.96 -23.04
C THR B 235 -17.93 -29.41 -23.51
N SER B 236 -16.78 -30.05 -23.35
CA SER B 236 -16.64 -31.44 -23.77
C SER B 236 -16.52 -32.41 -22.57
N PRO C 3 3.92 2.79 -22.91
CA PRO C 3 2.60 2.67 -22.24
C PRO C 3 1.69 1.73 -23.02
N VAL C 4 1.34 0.60 -22.42
CA VAL C 4 0.48 -0.36 -23.11
C VAL C 4 -0.87 -0.60 -22.46
N HIS C 5 -1.17 0.14 -21.40
CA HIS C 5 -2.46 0.01 -20.71
C HIS C 5 -3.30 1.28 -20.90
N ILE C 6 -2.72 2.43 -20.59
CA ILE C 6 -3.42 3.69 -20.77
C ILE C 6 -2.88 4.35 -22.04
N LEU C 7 -3.66 4.26 -23.12
CA LEU C 7 -3.25 4.79 -24.43
C LEU C 7 -3.57 6.26 -24.68
N ALA C 8 -3.31 7.13 -23.72
CA ALA C 8 -3.58 8.57 -23.89
C ALA C 8 -2.48 9.24 -24.69
N LYS C 9 -2.84 10.32 -25.37
CA LYS C 9 -1.88 11.09 -26.19
C LYS C 9 -1.07 12.03 -25.32
N LYS C 10 -0.10 12.70 -25.93
CA LYS C 10 0.76 13.64 -25.24
C LYS C 10 -0.05 14.84 -24.75
N GLY C 11 0.25 15.29 -23.53
CA GLY C 11 -0.44 16.44 -22.99
C GLY C 11 -1.92 16.23 -22.76
N GLU C 12 -2.32 15.00 -22.47
CA GLU C 12 -3.72 14.71 -22.21
C GLU C 12 -3.97 14.36 -20.74
N VAL C 13 -2.92 13.97 -20.03
CA VAL C 13 -3.07 13.65 -18.61
C VAL C 13 -2.54 14.83 -17.81
N ALA C 14 -3.30 15.30 -16.82
CA ALA C 14 -2.90 16.44 -15.99
C ALA C 14 -1.82 16.07 -14.98
N GLU C 15 -1.17 17.09 -14.42
CA GLU C 15 -0.12 16.88 -13.42
C GLU C 15 -0.79 16.42 -12.12
N ARG C 16 -1.98 16.93 -11.86
CA ARG C 16 -2.74 16.55 -10.68
C ARG C 16 -3.76 15.51 -11.12
N VAL C 17 -3.84 14.43 -10.36
CA VAL C 17 -4.79 13.37 -10.69
C VAL C 17 -5.53 12.84 -9.47
N LEU C 18 -6.85 12.71 -9.60
CA LEU C 18 -7.66 12.14 -8.53
C LEU C 18 -7.83 10.70 -9.03
N VAL C 19 -7.36 9.74 -8.25
CA VAL C 19 -7.47 8.34 -8.65
C VAL C 19 -8.48 7.57 -7.80
N VAL C 20 -9.38 6.85 -8.48
CA VAL C 20 -10.40 6.03 -7.82
C VAL C 20 -10.33 4.63 -8.38
N GLY C 21 -10.82 3.65 -7.64
CA GLY C 21 -10.74 2.27 -8.12
C GLY C 21 -11.83 1.83 -9.09
N ASP C 22 -13.02 2.39 -8.93
CA ASP C 22 -14.20 2.02 -9.73
C ASP C 22 -14.48 2.93 -10.93
N PRO C 23 -14.41 2.37 -12.15
CA PRO C 23 -14.67 3.13 -13.39
C PRO C 23 -15.98 3.89 -13.27
N GLY C 24 -16.94 3.28 -12.59
CA GLY C 24 -18.24 3.91 -12.39
C GLY C 24 -18.12 5.25 -11.71
N ARG C 25 -17.29 5.32 -10.67
CA ARG C 25 -17.07 6.55 -9.92
C ARG C 25 -16.28 7.56 -10.74
N ALA C 26 -15.33 7.08 -11.53
CA ALA C 26 -14.54 7.97 -12.36
C ALA C 26 -15.49 8.74 -13.28
N ARG C 27 -16.39 8.02 -13.90
CA ARG C 27 -17.35 8.66 -14.81
C ARG C 27 -18.24 9.63 -14.05
N LEU C 28 -18.92 9.11 -13.04
CA LEU C 28 -19.80 9.92 -12.23
C LEU C 28 -19.11 11.20 -11.73
N LEU C 29 -17.90 11.06 -11.19
CA LEU C 29 -17.18 12.21 -10.67
C LEU C 29 -16.75 13.23 -11.73
N SER C 30 -16.56 12.78 -12.97
CA SER C 30 -16.14 13.68 -14.04
C SER C 30 -17.18 14.77 -14.34
N THR C 31 -18.39 14.58 -13.81
CA THR C 31 -19.46 15.54 -14.00
C THR C 31 -19.30 16.75 -13.08
N LEU C 32 -18.19 16.78 -12.35
CA LEU C 32 -17.92 17.90 -11.45
C LEU C 32 -16.87 18.79 -12.10
N LEU C 33 -16.37 18.35 -13.25
CA LEU C 33 -15.37 19.09 -14.00
C LEU C 33 -16.09 19.98 -15.02
N GLN C 34 -15.35 20.89 -15.66
CA GLN C 34 -15.95 21.80 -16.63
C GLN C 34 -16.27 21.14 -17.98
N ASN C 35 -15.29 21.00 -18.86
CA ASN C 35 -15.54 20.34 -20.15
C ASN C 35 -14.75 19.04 -20.19
N PRO C 36 -15.22 18.02 -19.45
CA PRO C 36 -14.54 16.72 -19.41
C PRO C 36 -14.49 15.93 -20.72
N LYS C 37 -13.31 15.37 -21.01
CA LYS C 37 -13.11 14.55 -22.19
C LYS C 37 -12.57 13.19 -21.73
N LEU C 38 -12.98 12.12 -22.40
CA LEU C 38 -12.52 10.79 -22.07
C LEU C 38 -11.22 10.55 -22.85
N THR C 39 -10.10 10.52 -22.13
CA THR C 39 -8.81 10.34 -22.78
C THR C 39 -8.29 8.90 -22.82
N ASN C 40 -9.02 7.98 -22.18
CA ASN C 40 -8.65 6.56 -22.21
C ASN C 40 -9.74 5.64 -21.68
N GLU C 41 -9.96 4.53 -22.37
CA GLU C 41 -10.95 3.55 -21.95
C GLU C 41 -10.34 2.15 -22.02
N ASN C 42 -9.14 2.06 -22.59
CA ASN C 42 -8.45 0.78 -22.73
C ASN C 42 -8.41 -0.03 -21.43
N ARG C 43 -8.63 -1.33 -21.56
CA ARG C 43 -8.65 -2.27 -20.44
C ARG C 43 -9.61 -1.88 -19.33
N GLY C 44 -10.52 -0.96 -19.64
CA GLY C 44 -11.51 -0.53 -18.68
C GLY C 44 -11.05 0.57 -17.74
N PHE C 45 -9.83 1.06 -17.92
CA PHE C 45 -9.29 2.12 -17.06
C PHE C 45 -9.73 3.50 -17.55
N LEU C 46 -10.90 3.95 -17.13
CA LEU C 46 -11.41 5.25 -17.54
C LEU C 46 -10.61 6.42 -16.95
N VAL C 47 -10.23 7.36 -17.81
CA VAL C 47 -9.51 8.55 -17.39
C VAL C 47 -10.19 9.76 -18.03
N TYR C 48 -10.53 10.76 -17.23
CA TYR C 48 -11.14 11.99 -17.74
C TYR C 48 -10.27 13.18 -17.38
N THR C 49 -10.25 14.19 -18.25
CA THR C 49 -9.46 15.40 -18.02
C THR C 49 -10.33 16.62 -18.33
N GLY C 50 -10.43 17.52 -17.36
CA GLY C 50 -11.24 18.71 -17.54
C GLY C 50 -10.79 19.81 -16.60
N LYS C 51 -11.65 20.79 -16.35
CA LYS C 51 -11.29 21.88 -15.46
C LYS C 51 -12.08 21.90 -14.15
N TYR C 52 -11.47 22.50 -13.14
CA TYR C 52 -12.08 22.65 -11.83
C TYR C 52 -11.47 23.91 -11.22
N ASN C 53 -12.31 24.83 -10.77
CA ASN C 53 -11.82 26.07 -10.19
C ASN C 53 -10.74 26.70 -11.06
N GLY C 54 -10.94 26.61 -12.37
CA GLY C 54 -9.99 27.18 -13.31
C GLY C 54 -8.75 26.39 -13.64
N GLU C 55 -8.49 25.31 -12.90
CA GLU C 55 -7.28 24.51 -13.13
C GLU C 55 -7.51 23.15 -13.80
N THR C 56 -6.55 22.76 -14.64
CA THR C 56 -6.64 21.48 -15.33
C THR C 56 -6.36 20.35 -14.33
N VAL C 57 -7.12 19.27 -14.44
CA VAL C 57 -6.93 18.13 -13.56
C VAL C 57 -7.55 16.90 -14.21
N SER C 58 -7.18 15.72 -13.73
CA SER C 58 -7.71 14.49 -14.29
C SER C 58 -8.24 13.53 -13.22
N ILE C 59 -9.15 12.65 -13.62
CA ILE C 59 -9.73 11.65 -12.72
C ILE C 59 -9.46 10.30 -13.38
N ALA C 60 -8.80 9.40 -12.65
CA ALA C 60 -8.45 8.11 -13.21
C ALA C 60 -8.82 6.86 -12.41
N THR C 61 -9.09 5.78 -13.15
CA THR C 61 -9.46 4.49 -12.58
C THR C 61 -8.22 3.64 -12.35
N HIS C 62 -8.07 3.07 -11.15
CA HIS C 62 -6.91 2.21 -10.87
C HIS C 62 -7.24 0.75 -10.59
N GLY C 63 -8.52 0.40 -10.59
CA GLY C 63 -8.92 -0.98 -10.35
C GLY C 63 -8.66 -1.44 -8.92
N ILE C 64 -8.69 -2.75 -8.71
CA ILE C 64 -8.49 -3.30 -7.38
C ILE C 64 -7.12 -3.96 -7.18
N GLY C 65 -6.50 -3.73 -6.04
CA GLY C 65 -5.22 -4.36 -5.73
C GLY C 65 -3.94 -3.60 -6.04
N GLY C 66 -2.89 -3.93 -5.27
CA GLY C 66 -1.61 -3.30 -5.46
C GLY C 66 -1.05 -3.41 -6.87
N PRO C 67 -1.01 -4.62 -7.46
CA PRO C 67 -0.48 -4.81 -8.82
C PRO C 67 -1.17 -3.93 -9.87
N SER C 68 -2.47 -3.74 -9.73
CA SER C 68 -3.22 -2.94 -10.69
C SER C 68 -2.89 -1.46 -10.56
N ILE C 69 -2.97 -0.91 -9.34
CA ILE C 69 -2.70 0.50 -9.15
C ILE C 69 -1.25 0.87 -9.43
N ALA C 70 -0.32 -0.06 -9.24
CA ALA C 70 1.08 0.22 -9.52
C ALA C 70 1.24 0.52 -11.02
N ILE C 71 0.68 -0.35 -11.86
CA ILE C 71 0.73 -0.15 -13.31
C ILE C 71 0.09 1.18 -13.74
N VAL C 72 -1.12 1.44 -13.26
CA VAL C 72 -1.80 2.68 -13.61
C VAL C 72 -1.00 3.92 -13.19
N LEU C 73 -0.44 3.91 -11.99
CA LEU C 73 0.34 5.05 -11.52
C LEU C 73 1.62 5.24 -12.34
N GLU C 74 2.32 4.15 -12.66
CA GLU C 74 3.54 4.24 -13.44
C GLU C 74 3.26 4.82 -14.84
N GLU C 75 2.16 4.42 -15.44
CA GLU C 75 1.83 4.91 -16.78
C GLU C 75 1.34 6.36 -16.78
N LEU C 76 0.58 6.76 -15.77
CA LEU C 76 0.13 8.14 -15.71
C LEU C 76 1.34 9.04 -15.50
N ALA C 77 2.31 8.56 -14.71
CA ALA C 77 3.53 9.31 -14.43
C ALA C 77 4.31 9.52 -15.73
N MET C 78 4.38 8.49 -16.57
CA MET C 78 5.12 8.59 -17.83
C MET C 78 4.38 9.58 -18.71
N LEU C 79 3.06 9.62 -18.54
CA LEU C 79 2.22 10.52 -19.32
C LEU C 79 2.18 11.95 -18.79
N GLY C 80 3.00 12.24 -17.78
CA GLY C 80 3.06 13.58 -17.21
C GLY C 80 2.50 13.86 -15.82
N ALA C 81 1.87 12.87 -15.17
CA ALA C 81 1.30 13.08 -13.85
C ALA C 81 2.35 12.95 -12.73
N ASN C 82 2.21 13.75 -11.68
CA ASN C 82 3.15 13.69 -10.54
C ASN C 82 2.55 13.97 -9.16
N VAL C 83 1.26 14.27 -9.11
CA VAL C 83 0.55 14.51 -7.87
C VAL C 83 -0.69 13.58 -7.88
N PHE C 84 -0.81 12.71 -6.87
CA PHE C 84 -1.94 11.77 -6.82
C PHE C 84 -2.70 11.74 -5.50
N ILE C 85 -4.03 11.84 -5.60
CA ILE C 85 -4.86 11.74 -4.39
C ILE C 85 -5.88 10.63 -4.62
N ARG C 86 -5.65 9.48 -4.00
CA ARG C 86 -6.58 8.38 -4.13
C ARG C 86 -7.81 8.69 -3.31
N TYR C 87 -8.98 8.32 -3.85
CA TYR C 87 -10.26 8.56 -3.19
C TYR C 87 -11.12 7.31 -3.39
N GLY C 88 -11.37 6.58 -2.31
CA GLY C 88 -12.17 5.38 -2.41
C GLY C 88 -12.95 5.04 -1.16
N THR C 89 -13.31 3.76 -1.00
CA THR C 89 -14.07 3.33 0.17
C THR C 89 -13.22 2.43 1.06
N THR C 90 -13.63 2.33 2.33
CA THR C 90 -12.90 1.53 3.30
C THR C 90 -13.84 0.92 4.34
N GLY C 91 -13.32 -0.02 5.13
CA GLY C 91 -14.10 -0.64 6.18
C GLY C 91 -13.44 -0.25 7.49
N ALA C 92 -14.18 0.45 8.36
CA ALA C 92 -13.64 0.85 9.66
C ALA C 92 -13.30 -0.37 10.52
N LEU C 93 -12.32 -0.20 11.41
CA LEU C 93 -11.88 -1.26 12.32
C LEU C 93 -12.14 -0.88 13.76
N VAL C 94 -12.77 0.28 13.95
CA VAL C 94 -13.10 0.78 15.28
C VAL C 94 -14.61 1.07 15.37
N PRO C 95 -15.18 0.95 16.59
CA PRO C 95 -16.61 1.18 16.82
C PRO C 95 -17.17 2.59 16.62
N TYR C 96 -16.45 3.62 17.05
CA TYR C 96 -16.93 5.00 16.96
C TYR C 96 -17.12 5.66 15.59
N ILE C 97 -16.59 5.06 14.52
CA ILE C 97 -16.74 5.67 13.21
C ILE C 97 -18.04 5.24 12.52
N ASN C 98 -18.80 6.22 12.03
CA ASN C 98 -20.07 5.95 11.36
C ASN C 98 -19.95 5.86 9.85
N LEU C 99 -20.92 5.19 9.23
CA LEU C 99 -20.91 5.05 7.79
C LEU C 99 -21.12 6.42 7.15
N GLY C 100 -20.42 6.67 6.07
CA GLY C 100 -20.57 7.94 5.40
C GLY C 100 -19.53 8.97 5.80
N GLU C 101 -18.89 8.77 6.96
CA GLU C 101 -17.86 9.70 7.42
C GLU C 101 -16.56 9.47 6.64
N TYR C 102 -15.52 10.26 6.95
CA TYR C 102 -14.27 10.13 6.20
C TYR C 102 -13.01 9.87 7.01
N ILE C 103 -12.04 9.23 6.36
CA ILE C 103 -10.76 8.95 7.00
C ILE C 103 -9.61 9.48 6.16
N ILE C 104 -8.82 10.36 6.75
CA ILE C 104 -7.67 10.94 6.08
C ILE C 104 -6.49 10.08 6.53
N VAL C 105 -5.90 9.36 5.58
CA VAL C 105 -4.81 8.43 5.84
C VAL C 105 -3.43 9.05 6.14
N THR C 106 -2.81 8.57 7.22
CA THR C 106 -1.49 9.06 7.64
C THR C 106 -0.39 8.03 7.45
N GLY C 107 -0.77 6.82 7.06
CA GLY C 107 0.20 5.76 6.85
C GLY C 107 -0.49 4.45 6.51
N ALA C 108 0.26 3.47 6.03
CA ALA C 108 -0.33 2.19 5.66
C ALA C 108 0.46 0.98 6.12
N SER C 109 -0.22 0.06 6.78
CA SER C 109 0.40 -1.18 7.24
C SER C 109 0.20 -2.22 6.12
N TYR C 110 1.10 -3.20 6.04
CA TYR C 110 0.99 -4.23 5.01
C TYR C 110 1.83 -5.48 5.30
N ASN C 111 1.48 -6.59 4.66
CA ASN C 111 2.25 -7.81 4.81
C ASN C 111 3.29 -7.75 3.70
N GLN C 112 4.53 -8.09 4.02
CA GLN C 112 5.59 -8.00 3.02
C GLN C 112 5.58 -9.07 1.94
N GLY C 113 6.46 -8.90 0.97
CA GLY C 113 6.57 -9.84 -0.14
C GLY C 113 6.04 -9.29 -1.45
N GLY C 114 5.77 -10.20 -2.39
CA GLY C 114 5.24 -9.84 -3.70
C GLY C 114 5.76 -8.59 -4.37
N LEU C 115 4.83 -7.68 -4.61
CA LEU C 115 5.10 -6.42 -5.27
C LEU C 115 6.18 -5.60 -4.56
N PHE C 116 6.14 -5.57 -3.23
CA PHE C 116 7.13 -4.81 -2.48
C PHE C 116 8.53 -5.39 -2.64
N TYR C 117 8.65 -6.72 -2.64
CA TYR C 117 9.96 -7.35 -2.79
C TYR C 117 10.57 -7.04 -4.18
N GLN C 118 9.76 -7.14 -5.24
CA GLN C 118 10.24 -6.87 -6.59
C GLN C 118 10.73 -5.42 -6.75
N TYR C 119 10.07 -4.47 -6.08
CA TYR C 119 10.47 -3.06 -6.16
C TYR C 119 11.61 -2.70 -5.20
N LEU C 120 11.47 -3.10 -3.94
CA LEU C 120 12.48 -2.77 -2.93
C LEU C 120 13.74 -3.64 -2.94
N ARG C 121 13.64 -4.82 -3.54
CA ARG C 121 14.77 -5.74 -3.67
C ARG C 121 15.12 -6.54 -2.41
N ASP C 122 14.43 -6.28 -1.32
CA ASP C 122 14.60 -7.06 -0.10
C ASP C 122 13.34 -6.89 0.76
N ASN C 123 13.33 -7.42 1.97
CA ASN C 123 12.13 -7.34 2.80
C ASN C 123 12.11 -6.29 3.89
N ALA C 124 12.81 -5.19 3.66
CA ALA C 124 12.85 -4.11 4.64
C ALA C 124 11.49 -3.42 4.71
N CYS C 125 11.06 -3.09 5.93
CA CYS C 125 9.78 -2.39 6.11
C CYS C 125 9.99 -0.89 5.88
N VAL C 126 9.93 -0.48 4.62
CA VAL C 126 10.08 0.93 4.27
C VAL C 126 8.84 1.69 4.72
N ALA C 127 9.03 2.87 5.27
CA ALA C 127 7.90 3.68 5.74
C ALA C 127 6.95 4.00 4.59
N SER C 128 5.70 3.55 4.71
CA SER C 128 4.68 3.77 3.69
C SER C 128 3.74 4.90 4.15
N THR C 129 4.13 6.13 3.85
CA THR C 129 3.38 7.32 4.26
C THR C 129 3.11 8.30 3.11
N PRO C 130 2.07 9.13 3.24
CA PRO C 130 1.70 10.12 2.22
C PRO C 130 2.57 11.36 2.36
N ASP C 131 2.44 12.28 1.40
CA ASP C 131 3.18 13.53 1.46
C ASP C 131 2.59 14.30 2.64
N PHE C 132 3.47 14.75 3.53
CA PHE C 132 3.05 15.51 4.70
C PHE C 132 2.20 16.74 4.36
N GLU C 133 2.72 17.58 3.48
CA GLU C 133 2.05 18.82 3.05
C GLU C 133 0.67 18.63 2.46
N LEU C 134 0.60 17.76 1.46
CA LEU C 134 -0.65 17.49 0.78
C LEU C 134 -1.68 16.98 1.78
N THR C 135 -1.26 16.12 2.70
CA THR C 135 -2.20 15.58 3.67
C THR C 135 -2.76 16.68 4.57
N ASN C 136 -1.92 17.62 5.00
CA ASN C 136 -2.42 18.70 5.84
C ASN C 136 -3.42 19.57 5.07
N LYS C 137 -3.24 19.66 3.77
CA LYS C 137 -4.14 20.44 2.94
C LYS C 137 -5.52 19.79 2.86
N LEU C 138 -5.54 18.46 2.82
CA LEU C 138 -6.80 17.73 2.78
C LEU C 138 -7.56 17.97 4.06
N VAL C 139 -6.86 17.91 5.19
CA VAL C 139 -7.52 18.14 6.48
C VAL C 139 -8.21 19.49 6.49
N THR C 140 -7.53 20.51 5.98
CA THR C 140 -8.08 21.86 5.94
C THR C 140 -9.28 21.96 5.00
N SER C 141 -9.17 21.35 3.83
CA SER C 141 -10.28 21.40 2.89
C SER C 141 -11.51 20.76 3.53
N PHE C 142 -11.37 19.53 4.02
CA PHE C 142 -12.49 18.83 4.63
C PHE C 142 -13.07 19.56 5.83
N SER C 143 -12.20 20.22 6.61
CA SER C 143 -12.67 20.96 7.77
C SER C 143 -13.44 22.20 7.29
N LYS C 144 -12.94 22.86 6.25
CA LYS C 144 -13.61 24.05 5.73
C LYS C 144 -15.02 23.74 5.24
N ARG C 145 -15.20 22.54 4.68
CA ARG C 145 -16.52 22.13 4.18
C ARG C 145 -17.35 21.41 5.24
N ASN C 146 -17.00 21.60 6.51
CA ASN C 146 -17.73 20.97 7.62
C ASN C 146 -18.01 19.48 7.45
N LEU C 147 -17.01 18.70 7.03
CA LEU C 147 -17.23 17.28 6.86
C LEU C 147 -16.61 16.49 8.03
N LYS C 148 -17.29 15.41 8.41
CA LYS C 148 -16.83 14.58 9.53
C LYS C 148 -15.73 13.61 9.11
N TYR C 149 -14.53 13.81 9.63
CA TYR C 149 -13.40 12.95 9.28
C TYR C 149 -12.52 12.56 10.46
N TYR C 150 -11.81 11.45 10.30
CA TYR C 150 -10.88 10.95 11.30
C TYR C 150 -9.53 10.80 10.62
N VAL C 151 -8.45 10.97 11.39
CA VAL C 151 -7.12 10.86 10.82
C VAL C 151 -6.35 9.70 11.43
N GLY C 152 -5.80 8.83 10.57
CA GLY C 152 -5.06 7.69 11.08
C GLY C 152 -4.54 6.74 10.02
N ASN C 153 -3.90 5.66 10.47
CA ASN C 153 -3.33 4.65 9.59
C ASN C 153 -4.35 3.60 9.16
N VAL C 154 -4.07 2.94 8.04
CA VAL C 154 -4.95 1.89 7.53
C VAL C 154 -4.15 0.66 7.13
N PHE C 155 -4.81 -0.49 7.11
CA PHE C 155 -4.17 -1.72 6.68
C PHE C 155 -4.54 -2.00 5.21
N SER C 156 -3.53 -2.14 4.36
CA SER C 156 -3.73 -2.43 2.94
C SER C 156 -3.69 -3.95 2.73
N SER C 157 -4.87 -4.57 2.71
CA SER C 157 -5.01 -6.01 2.53
C SER C 157 -4.90 -6.41 1.06
N ASP C 158 -4.45 -7.65 0.83
CA ASP C 158 -4.32 -8.19 -0.52
C ASP C 158 -5.41 -9.25 -0.77
N ALA C 159 -6.05 -9.69 0.31
CA ALA C 159 -7.07 -10.72 0.19
C ALA C 159 -8.40 -10.37 0.86
N PHE C 160 -9.33 -9.85 0.07
CA PHE C 160 -10.65 -9.46 0.56
C PHE C 160 -11.36 -10.63 1.27
N TYR C 161 -11.23 -11.84 0.74
CA TYR C 161 -11.90 -13.00 1.32
C TYR C 161 -11.09 -14.00 2.15
N ALA C 162 -9.85 -13.68 2.50
CA ALA C 162 -9.07 -14.61 3.32
C ALA C 162 -9.65 -14.58 4.73
N GLU C 163 -9.67 -15.72 5.41
CA GLU C 163 -10.21 -15.78 6.77
C GLU C 163 -9.21 -15.41 7.86
N ASP C 164 -9.69 -14.73 8.88
CA ASP C 164 -8.89 -14.34 10.03
C ASP C 164 -9.85 -14.00 11.15
N GLU C 165 -10.02 -14.95 12.07
CA GLU C 165 -10.92 -14.76 13.21
C GLU C 165 -10.45 -13.67 14.17
N GLU C 166 -9.20 -13.28 14.08
CA GLU C 166 -8.68 -12.26 14.98
C GLU C 166 -8.40 -10.98 14.20
N PHE C 167 -8.93 -10.93 12.99
CA PHE C 167 -8.71 -9.80 12.09
C PHE C 167 -8.88 -8.40 12.68
N VAL C 168 -10.05 -8.11 13.20
CA VAL C 168 -10.32 -6.79 13.74
C VAL C 168 -9.44 -6.40 14.92
N LYS C 169 -9.36 -7.22 15.94
CA LYS C 169 -8.53 -6.84 17.08
C LYS C 169 -7.05 -6.79 16.69
N LYS C 170 -6.64 -7.64 15.75
CA LYS C 170 -5.25 -7.65 15.34
C LYS C 170 -4.81 -6.30 14.76
N TRP C 171 -5.42 -5.93 13.64
CA TRP C 171 -5.07 -4.67 12.98
C TRP C 171 -5.47 -3.40 13.75
N SER C 172 -6.53 -3.46 14.56
CA SER C 172 -6.93 -2.28 15.32
C SER C 172 -5.95 -2.07 16.47
N SER C 173 -5.44 -3.16 17.03
CA SER C 173 -4.50 -3.05 18.13
C SER C 173 -3.14 -2.59 17.60
N ARG C 174 -2.96 -2.66 16.28
CA ARG C 174 -1.71 -2.24 15.67
C ARG C 174 -1.75 -0.78 15.19
N GLY C 175 -2.74 -0.04 15.66
CA GLY C 175 -2.85 1.37 15.30
C GLY C 175 -3.55 1.69 14.00
N ASN C 176 -4.24 0.71 13.41
CA ASN C 176 -4.97 0.94 12.17
C ASN C 176 -6.46 1.13 12.48
N ILE C 177 -7.08 2.13 11.86
CA ILE C 177 -8.49 2.40 12.09
C ILE C 177 -9.41 1.97 10.94
N ALA C 178 -8.83 1.44 9.87
CA ALA C 178 -9.62 0.98 8.74
C ALA C 178 -8.82 0.09 7.79
N VAL C 179 -9.54 -0.62 6.91
CA VAL C 179 -8.89 -1.49 5.95
C VAL C 179 -9.30 -1.19 4.51
N GLU C 180 -8.33 -1.23 3.62
CA GLU C 180 -8.58 -1.02 2.20
C GLU C 180 -7.52 -1.84 1.45
N MET C 181 -7.28 -1.59 0.16
CA MET C 181 -6.33 -2.45 -0.52
C MET C 181 -5.16 -1.86 -1.29
N GLU C 182 -5.08 -0.54 -1.44
CA GLU C 182 -3.95 -0.02 -2.21
C GLU C 182 -3.10 1.13 -1.68
N CYS C 183 -3.40 1.65 -0.49
CA CYS C 183 -2.62 2.75 0.04
C CYS C 183 -1.12 2.46 0.22
N ALA C 184 -0.79 1.27 0.71
CA ALA C 184 0.62 0.90 0.89
C ALA C 184 1.41 1.00 -0.43
N THR C 185 0.82 0.47 -1.50
CA THR C 185 1.44 0.49 -2.83
C THR C 185 1.60 1.94 -3.31
N LEU C 186 0.51 2.71 -3.21
CA LEU C 186 0.53 4.09 -3.62
C LEU C 186 1.61 4.88 -2.90
N PHE C 187 1.58 4.82 -1.56
CA PHE C 187 2.53 5.55 -0.73
C PHE C 187 4.00 5.15 -0.95
N THR C 188 4.27 3.84 -0.93
CA THR C 188 5.64 3.37 -1.10
C THR C 188 6.21 3.68 -2.48
N LEU C 189 5.44 3.41 -3.52
CA LEU C 189 5.90 3.67 -4.88
C LEU C 189 6.11 5.17 -5.08
N SER C 190 5.26 5.97 -4.46
CA SER C 190 5.38 7.43 -4.57
C SER C 190 6.71 7.90 -3.96
N LYS C 191 7.04 7.39 -2.77
CA LYS C 191 8.30 7.78 -2.11
C LYS C 191 9.51 7.41 -2.98
N VAL C 192 9.45 6.22 -3.58
CA VAL C 192 10.50 5.71 -4.44
C VAL C 192 10.61 6.49 -5.77
N LYS C 193 9.47 6.81 -6.38
CA LYS C 193 9.45 7.52 -7.65
C LYS C 193 9.48 9.05 -7.53
N GLY C 194 9.25 9.56 -6.32
CA GLY C 194 9.27 11.00 -6.12
C GLY C 194 7.97 11.71 -6.45
N TRP C 195 6.85 11.02 -6.25
CA TRP C 195 5.54 11.61 -6.51
C TRP C 195 4.95 12.13 -5.19
N LYS C 196 4.01 13.07 -5.28
CA LYS C 196 3.33 13.62 -4.09
C LYS C 196 1.96 12.97 -3.99
N SER C 197 1.76 12.14 -2.98
CA SER C 197 0.49 11.44 -2.82
C SER C 197 -0.18 11.60 -1.46
N ALA C 198 -1.47 11.29 -1.42
CA ALA C 198 -2.28 11.35 -0.22
C ALA C 198 -3.53 10.51 -0.48
N THR C 199 -4.28 10.21 0.58
CA THR C 199 -5.49 9.42 0.42
C THR C 199 -6.60 9.82 1.37
N VAL C 200 -7.81 9.79 0.86
CA VAL C 200 -9.01 10.07 1.64
C VAL C 200 -9.96 8.94 1.30
N LEU C 201 -10.57 8.34 2.32
CA LEU C 201 -11.49 7.22 2.09
C LEU C 201 -12.88 7.47 2.62
N VAL C 202 -13.89 6.92 1.94
CA VAL C 202 -15.28 7.03 2.38
C VAL C 202 -15.59 5.71 3.08
N VAL C 203 -16.11 5.79 4.30
CA VAL C 203 -16.44 4.58 5.06
C VAL C 203 -17.74 3.96 4.55
N SER C 204 -17.65 2.75 4.00
CA SER C 204 -18.86 2.09 3.49
C SER C 204 -19.34 0.96 4.38
N ASP C 205 -18.56 0.60 5.39
CA ASP C 205 -18.96 -0.43 6.35
C ASP C 205 -18.06 -0.35 7.55
N ASN C 206 -18.46 -0.98 8.65
CA ASN C 206 -17.68 -0.94 9.88
C ASN C 206 -17.59 -2.36 10.43
N LEU C 207 -16.38 -2.91 10.42
CA LEU C 207 -16.16 -4.27 10.88
C LEU C 207 -16.21 -4.46 12.39
N ALA C 208 -16.19 -3.37 13.15
CA ALA C 208 -16.23 -3.49 14.61
C ALA C 208 -17.60 -3.20 15.24
N GLU C 217 -27.83 6.01 -2.54
CA GLU C 217 -28.36 7.42 -2.43
C GLU C 217 -27.51 8.22 -1.45
N GLU C 218 -27.62 7.87 -0.18
CA GLU C 218 -26.88 8.56 0.88
C GLU C 218 -25.37 8.31 0.81
N LEU C 219 -24.98 7.22 0.14
CA LEU C 219 -23.57 6.89 0.01
C LEU C 219 -22.99 7.64 -1.18
N GLU C 220 -23.83 7.90 -2.17
CA GLU C 220 -23.35 8.61 -3.35
C GLU C 220 -23.28 10.09 -3.04
N LYS C 221 -23.95 10.50 -1.98
CA LYS C 221 -23.96 11.91 -1.57
C LYS C 221 -22.68 12.13 -0.76
N SER C 222 -22.37 11.17 0.09
CA SER C 222 -21.17 11.23 0.90
C SER C 222 -19.97 11.26 -0.05
N VAL C 223 -20.03 10.44 -1.10
CA VAL C 223 -18.96 10.40 -2.08
C VAL C 223 -18.85 11.75 -2.78
N MET C 224 -19.99 12.26 -3.24
CA MET C 224 -20.03 13.55 -3.92
C MET C 224 -19.45 14.69 -3.11
N ASP C 225 -19.85 14.81 -1.85
CA ASP C 225 -19.33 15.89 -0.99
C ASP C 225 -17.82 15.80 -0.82
N GLY C 226 -17.34 14.59 -0.51
CA GLY C 226 -15.92 14.40 -0.31
C GLY C 226 -15.08 14.72 -1.55
N ALA C 227 -15.60 14.37 -2.72
CA ALA C 227 -14.87 14.61 -3.96
C ALA C 227 -14.61 16.10 -4.17
N LYS C 228 -15.57 16.94 -3.80
CA LYS C 228 -15.43 18.39 -3.96
C LYS C 228 -14.26 18.88 -3.12
N ALA C 229 -14.18 18.41 -1.88
CA ALA C 229 -13.09 18.79 -0.99
C ALA C 229 -11.75 18.35 -1.60
N VAL C 230 -11.70 17.12 -2.10
CA VAL C 230 -10.46 16.62 -2.70
C VAL C 230 -10.07 17.47 -3.92
N LEU C 231 -11.03 17.77 -4.79
CA LEU C 231 -10.74 18.57 -5.98
C LEU C 231 -10.29 19.99 -5.60
N ASP C 232 -10.82 20.53 -4.50
CA ASP C 232 -10.40 21.85 -4.04
C ASP C 232 -8.92 21.76 -3.69
N THR C 233 -8.54 20.65 -3.07
CA THR C 233 -7.15 20.42 -2.68
C THR C 233 -6.21 20.26 -3.87
N LEU C 234 -6.60 19.46 -4.85
CA LEU C 234 -5.75 19.25 -6.03
C LEU C 234 -5.55 20.52 -6.84
N THR C 235 -6.54 21.41 -6.80
CA THR C 235 -6.45 22.65 -7.55
C THR C 235 -6.15 23.83 -6.65
N SER C 236 -5.63 23.57 -5.46
CA SER C 236 -5.31 24.62 -4.49
C SER C 236 -3.97 25.29 -4.78
S SO4 D . 20.27 10.51 20.47
O1 SO4 D . 21.34 11.54 20.40
O2 SO4 D . 19.89 10.13 19.09
O3 SO4 D . 20.81 9.33 21.19
O4 SO4 D . 19.08 11.03 21.18
N1 FMB E . 24.68 10.52 12.80
C2 FMB E . 24.37 11.27 13.95
N3 FMB E . 23.61 10.79 14.95
C4 FMB E . 23.20 9.50 14.74
C5 FMB E . 23.46 8.67 13.63
C6 FMB E . 24.26 9.19 12.57
O6 FMB E . 24.59 8.62 11.52
N7 FMB E . 22.86 7.43 13.78
N8 FMB E . 22.26 7.51 14.96
C9 FMB E . 22.42 8.75 15.58
C1' FMB E . 21.72 8.76 16.91
C2' FMB E . 21.07 7.46 17.33
O2' FMB E . 19.74 7.74 17.71
C3' FMB E . 21.97 6.92 18.47
O3' FMB E . 21.23 6.48 19.63
C4' FMB E . 22.90 8.07 18.85
O4' FMB E . 22.65 9.15 17.92
C5' FMB E . 24.39 7.69 18.78
O5' FMB E . 25.13 8.02 19.99
S SO4 F . -4.39 -11.10 -19.90
O1 SO4 F . -4.51 -10.89 -21.37
O2 SO4 F . -3.18 -11.92 -19.62
O3 SO4 F . -4.31 -9.77 -19.26
O4 SO4 F . -5.61 -11.78 -19.37
N1 FMB G . 3.81 -9.69 -21.75
C2 FMB G . 2.52 -9.85 -22.26
N3 FMB G . 1.42 -9.94 -21.49
C4 FMB G . 1.71 -9.85 -20.15
C5 FMB G . 2.96 -9.70 -19.54
C6 FMB G . 4.12 -9.60 -20.37
O6 FMB G . 5.29 -9.46 -20.02
N7 FMB G . 2.84 -9.65 -18.15
N8 FMB G . 1.53 -9.77 -17.95
C9 FMB G . 0.79 -9.91 -19.13
C1' FMB G . -0.68 -10.03 -18.82
C2' FMB G . -1.04 -10.15 -17.34
O2' FMB G . -1.92 -11.23 -17.20
C3' FMB G . -1.64 -8.79 -16.95
O3' FMB G . -2.91 -8.87 -16.26
C4' FMB G . -1.79 -8.00 -18.25
O4' FMB G . -1.35 -8.88 -19.34
C5' FMB G . -0.97 -6.70 -18.28
O5' FMB G . -0.62 -6.25 -19.61
S SO4 H . -11.93 1.98 -4.36
O1 SO4 H . -13.42 2.05 -4.28
O2 SO4 H . -11.36 1.73 -3.02
O3 SO4 H . -11.56 0.89 -5.31
O4 SO4 H . -11.42 3.27 -4.90
N1 FMB I . -14.79 -2.35 3.16
C2 FMB I . -15.11 -1.39 2.21
N3 FMB I . -14.31 -1.10 1.17
C4 FMB I . -13.15 -1.84 1.16
C5 FMB I . -12.74 -2.83 2.07
C6 FMB I . -13.60 -3.14 3.17
O6 FMB I . -13.43 -3.96 4.07
N7 FMB I . -11.51 -3.35 1.71
N8 FMB I . -11.19 -2.69 0.61
C9 FMB I . -12.16 -1.75 0.23
C1' FMB I . -11.75 -1.04 -1.02
C2' FMB I . -10.46 -1.51 -1.66
O2' FMB I . -9.66 -0.38 -1.87
C3' FMB I . -10.90 -2.26 -2.94
O3' FMB I . -10.09 -1.94 -4.10
C4' FMB I . -12.35 -1.86 -3.18
O4' FMB I . -12.80 -1.16 -1.99
C5' FMB I . -13.29 -3.05 -3.42
O5' FMB I . -13.71 -3.70 -2.20
#